data_8PUJ
#
_entry.id   8PUJ
#
_cell.length_a   107.993
_cell.length_b   151.985
_cell.length_c   45.618
_cell.angle_alpha   90.00
_cell.angle_beta   90.00
_cell.angle_gamma   90.00
#
_symmetry.space_group_name_H-M   'P 21 21 2'
#
loop_
_entity.id
_entity.type
_entity.pdbx_description
1 polymer 'YncE family protein'
2 non-polymer 'HYDROXIDE ION'
3 non-polymer COB(II)INAMIDE
4 non-polymer 'SODIUM ION'
5 water water
#
_entity_poly.entity_id   1
_entity_poly.type   'polypeptide(L)'
_entity_poly.pdbx_seq_one_letter_code
;ATGDGLFIMNEGNFQYGNATLSYYDPETKKVENEIFYRANAMKLGDVAQSMIVRDTIGWVVVNNSHVIFAISTNTFKEVG
RITGLTSPRYIHFISDEKAYITQIWDYRIFIVNPKTYQITGYIECPDMTMETGSTEQMVQYGKYVYVNCWSYQNRILKID
TTTDKVVDQLTVGIQPTSLVMDKNFKMWTITDGGYKGSPYGYEEPSLYRIDAETFKIEKQFKFQLGDAPSEVQLNGAGDE
LYWINKDIWRMSVDEERVPVRPFLKYRDTKYYGLTVSPKNGDVYVADAIDYQQQGMIYRYTEDGELVDEFYVGIIPGAFC
WK
;
_entity_poly.pdbx_strand_id   A,C
#
# COMPACT_ATOMS: atom_id res chain seq x y z
N ALA A 1 -7.97 9.52 3.77
CA ALA A 1 -6.58 9.56 4.19
C ALA A 1 -6.32 10.71 5.17
N THR A 2 -6.72 11.93 4.79
CA THR A 2 -6.42 13.07 5.66
C THR A 2 -7.35 13.12 6.88
N GLY A 3 -8.64 12.76 6.70
CA GLY A 3 -9.62 12.98 7.74
C GLY A 3 -10.22 14.38 7.74
N ASP A 4 -10.02 15.14 6.66
CA ASP A 4 -10.55 16.49 6.58
C ASP A 4 -11.97 16.53 6.02
N GLY A 5 -12.47 15.42 5.51
CA GLY A 5 -13.81 15.40 4.96
C GLY A 5 -14.33 13.98 5.06
N LEU A 6 -15.64 13.86 5.29
CA LEU A 6 -16.28 12.57 5.59
C LEU A 6 -17.49 12.36 4.68
N PHE A 7 -17.51 11.21 3.97
CA PHE A 7 -18.71 10.86 3.24
C PHE A 7 -19.59 9.95 4.09
N ILE A 8 -20.90 10.13 4.00
CA ILE A 8 -21.88 9.29 4.68
C ILE A 8 -22.80 8.72 3.61
N MET A 9 -22.90 7.38 3.58
CA MET A 9 -23.77 6.69 2.59
C MET A 9 -25.12 6.38 3.24
N ASN A 10 -26.18 7.03 2.79
CA ASN A 10 -27.50 6.80 3.33
C ASN A 10 -28.20 5.76 2.45
N GLU A 11 -28.49 4.62 3.05
CA GLU A 11 -29.00 3.50 2.27
C GLU A 11 -30.39 3.77 1.69
N GLY A 12 -31.15 4.70 2.27
CA GLY A 12 -32.54 4.86 1.84
C GLY A 12 -33.34 3.66 2.32
N ASN A 13 -34.58 3.58 1.87
CA ASN A 13 -35.40 2.45 2.22
C ASN A 13 -35.28 1.40 1.11
N PHE A 14 -35.07 0.15 1.51
CA PHE A 14 -34.85 -0.92 0.54
C PHE A 14 -36.02 -0.97 -0.44
N GLN A 15 -35.69 -0.89 -1.71
CA GLN A 15 -36.60 -0.91 -2.86
C GLN A 15 -37.35 0.39 -3.08
N TYR A 16 -37.08 1.46 -2.32
CA TYR A 16 -37.71 2.76 -2.58
C TYR A 16 -36.85 3.72 -3.40
N GLY A 17 -35.60 3.42 -3.68
CA GLY A 17 -34.83 4.25 -4.60
C GLY A 17 -34.48 5.63 -4.03
N ASN A 18 -34.34 5.74 -2.70
CA ASN A 18 -34.13 7.02 -2.05
C ASN A 18 -32.82 7.05 -1.26
N ALA A 19 -31.83 6.28 -1.69
CA ALA A 19 -30.47 6.42 -1.16
C ALA A 19 -29.88 7.79 -1.51
N THR A 20 -29.02 8.31 -0.62
CA THR A 20 -28.37 9.60 -0.88
C THR A 20 -26.97 9.56 -0.30
N LEU A 21 -26.15 10.54 -0.71
CA LEU A 21 -24.76 10.67 -0.29
C LEU A 21 -24.61 12.02 0.41
N SER A 22 -23.96 12.02 1.59
CA SER A 22 -23.74 13.24 2.37
C SER A 22 -22.24 13.47 2.53
N TYR A 23 -21.87 14.71 2.72
CA TYR A 23 -20.48 15.08 2.98
C TYR A 23 -20.40 16.00 4.17
N TYR A 24 -19.54 15.67 5.11
CA TYR A 24 -19.38 16.41 6.35
C TYR A 24 -17.96 16.92 6.46
N ASP A 25 -17.81 18.20 6.85
CA ASP A 25 -16.51 18.85 7.05
C ASP A 25 -16.32 18.99 8.55
N PRO A 26 -15.43 18.21 9.19
CA PRO A 26 -15.35 18.26 10.65
C PRO A 26 -14.87 19.60 11.16
N GLU A 27 -14.16 20.37 10.33
CA GLU A 27 -13.62 21.64 10.79
C GLU A 27 -14.74 22.66 10.98
N THR A 28 -15.63 22.79 9.99
CA THR A 28 -16.74 23.73 10.05
C THR A 28 -17.99 23.14 10.67
N LYS A 29 -18.02 21.82 10.89
CA LYS A 29 -19.20 21.13 11.40
C LYS A 29 -20.41 21.34 10.51
N LYS A 30 -20.15 21.44 9.22
CA LYS A 30 -21.15 21.64 8.19
C LYS A 30 -21.37 20.33 7.46
N VAL A 31 -22.62 19.93 7.31
CA VAL A 31 -22.93 18.75 6.49
C VAL A 31 -23.66 19.24 5.24
N GLU A 32 -23.42 18.54 4.14
CA GLU A 32 -24.15 18.73 2.88
C GLU A 32 -24.85 17.43 2.55
N ASN A 33 -26.15 17.48 2.32
CA ASN A 33 -26.88 16.27 2.02
C ASN A 33 -27.25 16.23 0.55
N GLU A 34 -27.62 15.03 0.08
CA GLU A 34 -28.02 14.80 -1.33
C GLU A 34 -26.97 15.32 -2.32
N ILE A 35 -25.70 15.08 -2.03
CA ILE A 35 -24.68 15.72 -2.83
C ILE A 35 -24.56 15.09 -4.20
N PHE A 36 -24.88 13.81 -4.33
CA PHE A 36 -24.71 13.20 -5.64
C PHE A 36 -25.79 13.71 -6.57
N TYR A 37 -27.01 13.74 -6.05
CA TYR A 37 -28.14 14.23 -6.80
C TYR A 37 -27.92 15.68 -7.19
N ARG A 38 -27.45 16.50 -6.24
CA ARG A 38 -27.21 17.92 -6.54
C ARG A 38 -26.14 18.11 -7.61
N ALA A 39 -25.09 17.28 -7.59
CA ALA A 39 -23.99 17.47 -8.54
C ALA A 39 -24.28 16.88 -9.91
N ASN A 40 -25.13 15.86 -9.98
CA ASN A 40 -25.31 15.08 -11.20
C ASN A 40 -26.70 15.09 -11.79
N ALA A 41 -27.69 15.66 -11.11
CA ALA A 41 -29.06 15.69 -11.63
C ALA A 41 -29.58 14.28 -11.83
N MET A 42 -29.15 13.36 -10.97
CA MET A 42 -29.49 11.95 -11.07
C MET A 42 -29.55 11.41 -9.65
N LYS A 43 -30.62 10.68 -9.34
CA LYS A 43 -30.72 10.01 -8.04
C LYS A 43 -29.63 8.96 -7.93
N LEU A 44 -29.07 8.86 -6.71
CA LEU A 44 -28.03 7.88 -6.43
C LEU A 44 -28.51 6.46 -6.62
N GLY A 45 -29.75 6.17 -6.21
CA GLY A 45 -30.31 4.84 -6.35
C GLY A 45 -30.88 4.19 -5.11
N ASP A 46 -30.62 2.89 -4.99
CA ASP A 46 -31.27 2.06 -3.98
C ASP A 46 -30.18 1.32 -3.21
N VAL A 47 -30.12 1.56 -1.89
CA VAL A 47 -29.18 0.95 -0.97
C VAL A 47 -27.74 1.30 -1.33
N ALA A 48 -27.40 2.57 -1.22
CA ALA A 48 -25.98 2.92 -1.22
C ALA A 48 -25.32 2.24 -0.03
N GLN A 49 -24.26 1.50 -0.29
CA GLN A 49 -23.80 0.52 0.67
C GLN A 49 -22.39 0.82 1.20
N SER A 50 -21.51 1.33 0.38
CA SER A 50 -20.14 1.56 0.84
C SER A 50 -19.44 2.49 -0.14
N MET A 51 -18.24 2.90 0.23
CA MET A 51 -17.47 3.81 -0.60
C MET A 51 -16.02 3.65 -0.26
N ILE A 52 -15.14 3.81 -1.25
CA ILE A 52 -13.70 3.97 -1.01
C ILE A 52 -13.23 5.19 -1.79
N VAL A 53 -12.17 5.81 -1.29
CA VAL A 53 -11.55 6.93 -2.00
C VAL A 53 -10.13 6.53 -2.39
N ARG A 54 -9.78 6.76 -3.66
CA ARG A 54 -8.47 6.43 -4.20
C ARG A 54 -8.04 7.56 -5.13
N ASP A 55 -7.05 8.34 -4.73
CA ASP A 55 -6.49 9.38 -5.59
C ASP A 55 -7.55 10.38 -6.06
N THR A 56 -8.25 11.00 -5.11
CA THR A 56 -9.26 12.02 -5.39
C THR A 56 -10.48 11.50 -6.13
N ILE A 57 -10.60 10.20 -6.36
CA ILE A 57 -11.83 9.64 -6.95
C ILE A 57 -12.51 8.78 -5.89
N GLY A 58 -13.80 9.01 -5.70
CA GLY A 58 -14.61 8.20 -4.80
C GLY A 58 -15.34 7.16 -5.62
N TRP A 59 -15.40 5.94 -5.08
CA TRP A 59 -16.07 4.83 -5.72
C TRP A 59 -17.22 4.46 -4.81
N VAL A 60 -18.43 4.76 -5.24
CA VAL A 60 -19.63 4.66 -4.39
C VAL A 60 -20.42 3.46 -4.85
N VAL A 61 -20.56 2.47 -4.00
CA VAL A 61 -21.25 1.23 -4.34
C VAL A 61 -22.74 1.38 -4.02
N VAL A 62 -23.60 1.22 -5.02
CA VAL A 62 -25.04 1.30 -4.81
C VAL A 62 -25.61 -0.09 -5.06
N ASN A 63 -25.83 -0.79 -3.96
CA ASN A 63 -26.07 -2.23 -3.98
C ASN A 63 -27.27 -2.59 -4.83
N ASN A 64 -28.40 -1.95 -4.59
CA ASN A 64 -29.59 -2.41 -5.28
C ASN A 64 -29.85 -1.61 -6.55
N SER A 65 -28.86 -0.85 -7.02
CA SER A 65 -28.89 -0.27 -8.35
C SER A 65 -27.86 -0.89 -9.26
N HIS A 66 -27.12 -1.90 -8.78
CA HIS A 66 -26.23 -2.70 -9.62
C HIS A 66 -25.07 -1.89 -10.19
N VAL A 67 -24.56 -0.89 -9.43
CA VAL A 67 -23.65 0.06 -10.03
C VAL A 67 -22.70 0.55 -8.98
N ILE A 68 -21.51 0.88 -9.41
CA ILE A 68 -20.56 1.66 -8.63
C ILE A 68 -20.28 2.92 -9.43
N PHE A 69 -20.45 4.06 -8.80
CA PHE A 69 -20.16 5.34 -9.43
C PHE A 69 -18.79 5.81 -9.01
N ALA A 70 -17.98 6.24 -9.97
CA ALA A 70 -16.72 6.93 -9.65
C ALA A 70 -17.02 8.43 -9.71
N ILE A 71 -16.72 9.15 -8.61
CA ILE A 71 -17.05 10.56 -8.57
C ILE A 71 -15.82 11.35 -8.16
N SER A 72 -15.78 12.62 -8.57
CA SER A 72 -14.79 13.52 -8.01
C SER A 72 -15.06 13.75 -6.53
N THR A 73 -14.05 13.65 -5.68
CA THR A 73 -14.26 13.94 -4.26
C THR A 73 -14.31 15.43 -3.95
N ASN A 74 -14.03 16.27 -4.95
CA ASN A 74 -14.17 17.72 -4.81
C ASN A 74 -15.53 18.22 -5.27
N THR A 75 -15.95 17.84 -6.46
CA THR A 75 -17.21 18.32 -7.01
C THR A 75 -18.34 17.35 -6.88
N PHE A 76 -18.05 16.08 -6.56
CA PHE A 76 -19.02 14.99 -6.49
C PHE A 76 -19.63 14.65 -7.83
N LYS A 77 -19.08 15.15 -8.94
CA LYS A 77 -19.58 14.82 -10.27
C LYS A 77 -19.09 13.44 -10.69
N GLU A 78 -19.98 12.68 -11.29
CA GLU A 78 -19.62 11.38 -11.85
C GLU A 78 -18.55 11.51 -12.94
N VAL A 79 -17.49 10.69 -12.84
CA VAL A 79 -16.51 10.56 -13.91
C VAL A 79 -16.67 9.24 -14.66
N GLY A 80 -17.36 8.27 -14.08
CA GLY A 80 -17.64 7.02 -14.79
C GLY A 80 -18.45 6.14 -13.89
N ARG A 81 -18.81 4.97 -14.41
CA ARG A 81 -19.59 4.03 -13.60
C ARG A 81 -19.33 2.61 -14.08
N ILE A 82 -19.49 1.67 -13.15
CA ILE A 82 -19.41 0.25 -13.49
C ILE A 82 -20.81 -0.32 -13.28
N THR A 83 -21.41 -0.85 -14.34
CA THR A 83 -22.74 -1.41 -14.26
C THR A 83 -22.67 -2.93 -14.48
N GLY A 84 -23.84 -3.57 -14.44
CA GLY A 84 -23.88 -5.01 -14.66
C GLY A 84 -23.49 -5.85 -13.46
N LEU A 85 -23.56 -5.28 -12.25
CA LEU A 85 -23.12 -5.95 -11.02
C LEU A 85 -24.33 -6.58 -10.35
N THR A 86 -24.24 -7.86 -10.02
CA THR A 86 -25.44 -8.54 -9.51
C THR A 86 -26.09 -7.80 -8.37
N SER A 87 -25.32 -7.52 -7.33
CA SER A 87 -25.83 -6.83 -6.15
C SER A 87 -24.58 -6.46 -5.33
N PRO A 88 -23.86 -5.42 -5.75
CA PRO A 88 -22.48 -5.22 -5.26
C PRO A 88 -22.45 -4.75 -3.81
N ARG A 89 -21.35 -5.09 -3.12
CA ARG A 89 -21.26 -4.83 -1.69
C ARG A 89 -20.09 -3.90 -1.40
N TYR A 90 -18.85 -4.36 -1.70
CA TYR A 90 -17.63 -3.58 -1.43
C TYR A 90 -16.69 -3.70 -2.62
N ILE A 91 -15.83 -2.70 -2.80
CA ILE A 91 -14.77 -2.73 -3.83
C ILE A 91 -13.43 -2.63 -3.14
N HIS A 92 -12.48 -3.44 -3.60
CA HIS A 92 -11.12 -3.40 -3.07
C HIS A 92 -10.16 -3.41 -4.25
N PHE A 93 -9.29 -2.41 -4.31
CA PHE A 93 -8.40 -2.31 -5.46
C PHE A 93 -7.18 -3.21 -5.23
N ILE A 94 -6.85 -4.00 -6.25
CA ILE A 94 -5.61 -4.78 -6.23
C ILE A 94 -4.46 -4.01 -6.85
N SER A 95 -4.78 -3.23 -7.86
CA SER A 95 -3.86 -2.36 -8.58
C SER A 95 -4.74 -1.28 -9.24
N ASP A 96 -4.10 -0.39 -10.01
CA ASP A 96 -4.89 0.60 -10.75
C ASP A 96 -5.80 0.00 -11.82
N GLU A 97 -5.49 -1.19 -12.33
CA GLU A 97 -6.22 -1.79 -13.41
C GLU A 97 -7.00 -3.02 -12.95
N LYS A 98 -7.07 -3.27 -11.64
CA LYS A 98 -7.70 -4.50 -11.19
C LYS A 98 -8.35 -4.26 -9.83
N ALA A 99 -9.65 -4.50 -9.74
CA ALA A 99 -10.30 -4.41 -8.45
C ALA A 99 -11.30 -5.55 -8.32
N TYR A 100 -11.58 -5.94 -7.07
CA TYR A 100 -12.58 -6.95 -6.76
C TYR A 100 -13.82 -6.28 -6.21
N ILE A 101 -14.98 -6.73 -6.66
CA ILE A 101 -16.27 -6.24 -6.14
C ILE A 101 -17.07 -7.44 -5.64
N THR A 102 -17.32 -7.48 -4.33
CA THR A 102 -18.08 -8.55 -3.72
C THR A 102 -19.58 -8.33 -3.97
N GLN A 103 -20.37 -9.38 -3.69
CA GLN A 103 -21.77 -9.41 -4.12
C GLN A 103 -22.60 -10.14 -3.10
N ILE A 104 -23.87 -9.79 -3.02
CA ILE A 104 -24.84 -10.68 -2.42
C ILE A 104 -25.69 -11.30 -3.54
N TRP A 105 -26.22 -12.49 -3.28
CA TRP A 105 -27.02 -13.23 -4.27
C TRP A 105 -26.19 -13.60 -5.49
N ASP A 106 -24.91 -13.87 -5.28
CA ASP A 106 -24.02 -14.31 -6.32
C ASP A 106 -22.95 -15.15 -5.65
N TYR A 107 -22.49 -16.19 -6.33
CA TYR A 107 -21.35 -16.96 -5.83
C TYR A 107 -20.03 -16.45 -6.37
N ARG A 108 -20.04 -15.39 -7.18
CA ARG A 108 -18.82 -14.87 -7.80
C ARG A 108 -18.47 -13.51 -7.23
N ILE A 109 -17.18 -13.28 -7.05
CA ILE A 109 -16.68 -11.93 -6.86
C ILE A 109 -16.29 -11.39 -8.23
N PHE A 110 -16.77 -10.19 -8.57
CA PHE A 110 -16.49 -9.64 -9.91
C PHE A 110 -15.10 -9.00 -9.93
N ILE A 111 -14.35 -9.21 -11.02
CA ILE A 111 -13.10 -8.52 -11.20
C ILE A 111 -13.33 -7.43 -12.26
N VAL A 112 -12.87 -6.21 -11.99
CA VAL A 112 -13.03 -5.10 -12.91
C VAL A 112 -11.68 -4.44 -13.19
N ASN A 113 -11.62 -3.74 -14.32
CA ASN A 113 -10.55 -2.83 -14.62
C ASN A 113 -11.09 -1.43 -14.36
N PRO A 114 -10.69 -0.75 -13.28
CA PRO A 114 -11.27 0.56 -12.95
C PRO A 114 -10.93 1.63 -13.97
N LYS A 115 -9.89 1.43 -14.77
CA LYS A 115 -9.55 2.39 -15.81
C LYS A 115 -10.54 2.32 -16.97
N THR A 116 -11.03 1.13 -17.32
CA THR A 116 -11.97 0.99 -18.43
C THR A 116 -13.43 0.87 -17.97
N TYR A 117 -13.65 0.72 -16.65
CA TYR A 117 -14.96 0.48 -16.06
C TYR A 117 -15.57 -0.85 -16.49
N GLN A 118 -14.77 -1.79 -17.01
CA GLN A 118 -15.32 -3.04 -17.51
C GLN A 118 -15.07 -4.19 -16.57
N ILE A 119 -16.04 -5.12 -16.54
CA ILE A 119 -15.86 -6.40 -15.87
C ILE A 119 -14.92 -7.25 -16.72
N THR A 120 -13.86 -7.76 -16.10
CA THR A 120 -12.82 -8.51 -16.81
C THR A 120 -12.76 -9.96 -16.40
N GLY A 121 -13.46 -10.34 -15.34
CA GLY A 121 -13.46 -11.73 -14.93
C GLY A 121 -14.21 -11.92 -13.64
N TYR A 122 -14.14 -13.15 -13.13
CA TYR A 122 -14.91 -13.54 -11.97
C TYR A 122 -14.08 -14.49 -11.11
N ILE A 123 -14.28 -14.41 -9.81
CA ILE A 123 -13.72 -15.36 -8.86
C ILE A 123 -14.87 -16.21 -8.35
N GLU A 124 -14.81 -17.53 -8.61
CA GLU A 124 -15.89 -18.40 -8.19
C GLU A 124 -15.64 -18.83 -6.75
N CYS A 125 -16.60 -18.54 -5.88
CA CYS A 125 -16.43 -18.96 -4.50
C CYS A 125 -16.90 -20.40 -4.32
N PRO A 126 -16.17 -21.23 -3.59
CA PRO A 126 -16.56 -22.64 -3.46
C PRO A 126 -17.79 -22.82 -2.59
N ASP A 127 -18.60 -23.85 -2.92
CA ASP A 127 -19.73 -24.21 -2.06
C ASP A 127 -20.68 -23.03 -1.84
N MET A 128 -20.99 -22.35 -2.93
CA MET A 128 -21.87 -21.16 -2.89
C MET A 128 -22.77 -21.13 -4.14
N THR A 129 -23.98 -20.63 -3.98
CA THR A 129 -24.93 -20.56 -5.07
C THR A 129 -25.36 -19.12 -5.33
N MET A 130 -26.01 -18.90 -6.49
CA MET A 130 -26.67 -17.63 -6.73
C MET A 130 -27.77 -17.38 -5.70
N GLU A 131 -28.41 -18.44 -5.21
CA GLU A 131 -29.59 -18.25 -4.40
C GLU A 131 -29.23 -17.71 -3.03
N THR A 132 -28.11 -18.17 -2.44
CA THR A 132 -27.77 -17.71 -1.09
C THR A 132 -26.33 -17.20 -0.97
N GLY A 133 -25.68 -16.94 -2.10
CA GLY A 133 -24.29 -16.52 -2.07
C GLY A 133 -24.15 -15.16 -1.42
N SER A 134 -23.00 -14.96 -0.73
CA SER A 134 -22.71 -13.67 -0.11
C SER A 134 -21.20 -13.56 0.09
N THR A 135 -20.63 -12.49 -0.47
CA THR A 135 -19.29 -12.03 -0.14
C THR A 135 -19.40 -10.55 0.26
N GLU A 136 -18.54 -10.13 1.18
CA GLU A 136 -18.78 -8.86 1.83
C GLU A 136 -17.51 -8.02 1.91
N GLN A 137 -16.94 -7.82 3.14
CA GLN A 137 -15.82 -6.88 3.25
C GLN A 137 -14.50 -7.61 2.93
N MET A 138 -13.47 -6.86 2.56
CA MET A 138 -12.16 -7.41 2.17
C MET A 138 -11.01 -6.70 2.84
N VAL A 139 -9.95 -7.47 3.14
CA VAL A 139 -8.69 -6.90 3.57
C VAL A 139 -7.61 -7.63 2.78
N GLN A 140 -6.45 -7.02 2.68
CA GLN A 140 -5.38 -7.66 1.92
C GLN A 140 -4.17 -7.84 2.83
N TYR A 141 -3.55 -9.02 2.76
CA TYR A 141 -2.31 -9.31 3.48
C TYR A 141 -1.37 -9.90 2.44
N GLY A 142 -0.30 -9.20 2.10
CA GLY A 142 0.58 -9.74 1.09
C GLY A 142 -0.15 -9.96 -0.24
N LYS A 143 -0.01 -11.16 -0.80
CA LYS A 143 -0.66 -11.48 -2.06
C LYS A 143 -2.12 -11.91 -1.88
N TYR A 144 -2.61 -11.99 -0.65
CA TYR A 144 -3.92 -12.59 -0.43
C TYR A 144 -4.96 -11.54 -0.10
N VAL A 145 -6.17 -11.72 -0.63
CA VAL A 145 -7.33 -10.97 -0.16
C VAL A 145 -8.17 -11.92 0.67
N TYR A 146 -8.54 -11.48 1.86
CA TYR A 146 -9.47 -12.24 2.68
C TYR A 146 -10.82 -11.52 2.62
N VAL A 147 -11.90 -12.30 2.64
CA VAL A 147 -13.22 -11.71 2.48
C VAL A 147 -14.17 -12.45 3.40
N ASN A 148 -15.02 -11.72 4.11
CA ASN A 148 -16.02 -12.43 4.90
C ASN A 148 -17.24 -12.71 4.05
N CYS A 149 -17.89 -13.84 4.32
CA CYS A 149 -19.09 -14.26 3.60
C CYS A 149 -20.22 -14.16 4.62
N TRP A 150 -21.19 -13.26 4.37
CA TRP A 150 -22.11 -12.83 5.42
C TRP A 150 -23.47 -13.55 5.38
N SER A 151 -24.33 -13.18 4.45
CA SER A 151 -25.72 -13.62 4.46
C SER A 151 -25.80 -15.10 4.10
N TYR A 152 -26.35 -15.93 5.02
CA TYR A 152 -26.46 -17.38 4.82
C TYR A 152 -25.10 -18.03 4.60
N GLN A 153 -24.05 -17.47 5.20
CA GLN A 153 -22.71 -18.05 5.07
C GLN A 153 -22.02 -18.00 6.43
N ASN A 154 -20.85 -18.66 6.54
CA ASN A 154 -20.21 -18.73 7.84
C ASN A 154 -18.70 -18.87 7.68
N ARG A 155 -18.13 -18.18 6.67
CA ARG A 155 -16.75 -18.40 6.30
C ARG A 155 -16.03 -17.10 6.03
N ILE A 156 -14.70 -17.14 6.23
CA ILE A 156 -13.80 -16.17 5.62
C ILE A 156 -13.10 -16.92 4.48
N LEU A 157 -12.96 -16.29 3.33
CA LEU A 157 -12.26 -16.95 2.24
C LEU A 157 -10.93 -16.25 2.05
N LYS A 158 -9.98 -16.97 1.47
CA LYS A 158 -8.64 -16.48 1.17
C LYS A 158 -8.44 -16.57 -0.33
N ILE A 159 -8.15 -15.44 -0.97
CA ILE A 159 -7.99 -15.37 -2.42
C ILE A 159 -6.54 -15.05 -2.75
N ASP A 160 -5.93 -15.86 -3.61
CA ASP A 160 -4.61 -15.54 -4.15
C ASP A 160 -4.78 -14.54 -5.29
N THR A 161 -4.33 -13.29 -5.09
CA THR A 161 -4.54 -12.28 -6.12
C THR A 161 -3.68 -12.52 -7.33
N THR A 162 -2.69 -13.42 -7.24
CA THR A 162 -1.87 -13.67 -8.42
C THR A 162 -2.53 -14.67 -9.37
N THR A 163 -3.53 -15.39 -8.90
CA THR A 163 -4.29 -16.30 -9.75
C THR A 163 -5.77 -15.94 -9.81
N ASP A 164 -6.25 -15.04 -8.92
CA ASP A 164 -7.67 -14.69 -8.79
C ASP A 164 -8.52 -15.91 -8.44
N LYS A 165 -8.00 -16.78 -7.58
CA LYS A 165 -8.69 -18.00 -7.15
C LYS A 165 -8.79 -18.00 -5.64
N VAL A 166 -9.90 -18.53 -5.13
CA VAL A 166 -9.98 -18.90 -3.72
C VAL A 166 -9.08 -20.08 -3.47
N VAL A 167 -8.16 -19.94 -2.50
CA VAL A 167 -7.22 -21.00 -2.18
C VAL A 167 -7.42 -21.57 -0.78
N ASP A 168 -8.25 -20.96 0.06
CA ASP A 168 -8.45 -21.52 1.39
C ASP A 168 -9.71 -20.90 1.97
N GLN A 169 -10.20 -21.52 3.05
CA GLN A 169 -11.38 -20.99 3.71
C GLN A 169 -11.26 -21.32 5.19
N LEU A 170 -11.96 -20.53 5.98
CA LEU A 170 -11.97 -20.71 7.43
C LEU A 170 -13.40 -20.59 7.88
N THR A 171 -13.91 -21.61 8.56
CA THR A 171 -15.24 -21.53 9.15
C THR A 171 -15.24 -20.76 10.46
N VAL A 172 -16.18 -19.82 10.57
CA VAL A 172 -16.40 -19.08 11.79
C VAL A 172 -17.86 -19.21 12.19
N GLY A 173 -18.27 -18.50 13.26
CA GLY A 173 -19.69 -18.48 13.58
C GLY A 173 -20.54 -18.02 12.40
N ILE A 174 -21.84 -18.31 12.45
CA ILE A 174 -22.65 -17.95 11.28
C ILE A 174 -22.69 -16.43 11.09
N GLN A 175 -22.61 -16.01 9.78
CA GLN A 175 -22.80 -14.64 9.31
C GLN A 175 -21.79 -13.66 9.92
N PRO A 176 -20.50 -13.86 9.63
CA PRO A 176 -19.51 -12.81 9.92
C PRO A 176 -19.89 -11.60 9.09
N THR A 177 -19.90 -10.42 9.71
CA THR A 177 -20.50 -9.22 9.12
C THR A 177 -19.49 -8.31 8.42
N SER A 178 -18.25 -8.32 8.86
CA SER A 178 -17.31 -7.24 8.55
C SER A 178 -15.92 -7.78 8.82
N LEU A 179 -14.93 -7.09 8.27
CA LEU A 179 -13.58 -7.62 8.37
C LEU A 179 -12.61 -6.46 8.33
N VAL A 180 -11.74 -6.40 9.34
CA VAL A 180 -10.70 -5.34 9.38
C VAL A 180 -9.34 -5.98 9.72
N MET A 181 -8.28 -5.22 9.49
CA MET A 181 -6.95 -5.73 9.84
C MET A 181 -6.20 -4.70 10.69
N ASP A 182 -5.69 -5.17 11.83
CA ASP A 182 -5.07 -4.21 12.77
C ASP A 182 -3.56 -4.04 12.54
N LYS A 183 -2.95 -3.22 13.40
CA LYS A 183 -1.54 -2.87 13.20
C LYS A 183 -0.61 -4.04 13.47
N ASN A 184 -1.12 -5.10 14.09
CA ASN A 184 -0.37 -6.34 14.30
C ASN A 184 -0.65 -7.36 13.22
N PHE A 185 -1.32 -6.96 12.13
CA PHE A 185 -1.72 -7.83 11.03
C PHE A 185 -2.55 -9.01 11.54
N LYS A 186 -3.42 -8.71 12.51
CA LYS A 186 -4.48 -9.61 12.91
C LYS A 186 -5.77 -9.11 12.30
N MET A 187 -6.51 -10.03 11.71
CA MET A 187 -7.83 -9.65 11.23
C MET A 187 -8.85 -9.82 12.32
N TRP A 188 -9.88 -8.99 12.25
CA TRP A 188 -10.96 -9.11 13.20
C TRP A 188 -12.26 -9.23 12.42
N THR A 189 -13.14 -10.11 12.87
CA THR A 189 -14.46 -10.19 12.29
C THR A 189 -15.43 -10.42 13.44
N ILE A 190 -16.64 -9.91 13.28
CA ILE A 190 -17.69 -10.10 14.29
C ILE A 190 -18.91 -10.67 13.57
N THR A 191 -19.49 -11.71 14.14
CA THR A 191 -20.65 -12.36 13.50
C THR A 191 -21.92 -11.76 14.09
N ASP A 192 -23.03 -11.93 13.40
CA ASP A 192 -24.32 -11.38 13.92
C ASP A 192 -25.18 -12.48 14.58
N GLY A 193 -24.78 -13.73 14.43
CA GLY A 193 -25.49 -14.82 15.08
C GLY A 193 -26.75 -15.23 14.38
N GLY A 194 -27.02 -14.72 13.17
CA GLY A 194 -28.30 -15.06 12.56
C GLY A 194 -29.40 -14.39 13.36
N TYR A 195 -30.58 -15.02 13.37
CA TYR A 195 -31.68 -14.46 14.16
C TYR A 195 -32.68 -15.57 14.39
N LYS A 196 -33.48 -15.41 15.43
CA LYS A 196 -34.38 -16.48 15.80
C LYS A 196 -35.51 -16.52 14.77
N GLY A 197 -35.65 -17.68 14.10
CA GLY A 197 -36.52 -17.80 12.95
C GLY A 197 -35.81 -17.66 11.62
N SER A 198 -34.50 -17.47 11.62
CA SER A 198 -33.79 -17.45 10.35
C SER A 198 -33.92 -18.79 9.62
N PRO A 199 -34.05 -18.79 8.30
CA PRO A 199 -33.94 -20.05 7.55
C PRO A 199 -32.54 -20.65 7.59
N TYR A 200 -31.54 -19.89 7.99
CA TYR A 200 -30.16 -20.36 7.97
C TYR A 200 -29.67 -20.81 9.33
N GLY A 201 -29.80 -19.99 10.34
CA GLY A 201 -29.34 -20.39 11.65
C GLY A 201 -29.49 -19.28 12.68
N TYR A 202 -29.21 -19.65 13.92
CA TYR A 202 -29.29 -18.76 15.07
C TYR A 202 -28.39 -19.26 16.16
N GLU A 203 -27.50 -18.41 16.68
CA GLU A 203 -26.55 -18.87 17.69
C GLU A 203 -25.95 -17.65 18.35
N GLU A 204 -25.20 -17.88 19.44
CA GLU A 204 -24.45 -16.78 20.07
C GLU A 204 -23.46 -16.22 19.06
N PRO A 205 -23.40 -14.92 18.88
CA PRO A 205 -22.41 -14.35 17.95
C PRO A 205 -21.06 -14.21 18.66
N SER A 206 -20.04 -13.99 17.85
CA SER A 206 -18.68 -13.93 18.37
C SER A 206 -17.86 -12.88 17.64
N LEU A 207 -16.85 -12.36 18.36
CA LEU A 207 -15.79 -11.53 17.81
C LEU A 207 -14.54 -12.40 17.72
N TYR A 208 -13.88 -12.43 16.55
CA TYR A 208 -12.70 -13.27 16.39
C TYR A 208 -11.50 -12.42 16.04
N ARG A 209 -10.36 -12.82 16.57
CA ARG A 209 -9.06 -12.30 16.15
C ARG A 209 -8.36 -13.42 15.38
N ILE A 210 -7.94 -13.13 14.15
CA ILE A 210 -7.46 -14.16 13.22
C ILE A 210 -6.10 -13.71 12.71
N ASP A 211 -5.08 -14.57 12.84
CA ASP A 211 -3.78 -14.15 12.30
C ASP A 211 -3.81 -14.08 10.78
N ALA A 212 -3.39 -12.95 10.20
CA ALA A 212 -3.47 -12.84 8.75
C ALA A 212 -2.40 -13.67 8.06
N GLU A 213 -1.21 -13.78 8.66
CA GLU A 213 -0.14 -14.52 7.99
C GLU A 213 -0.48 -16.00 7.89
N THR A 214 -1.01 -16.59 8.97
CA THR A 214 -1.28 -18.03 9.01
C THR A 214 -2.76 -18.38 8.91
N PHE A 215 -3.64 -17.40 8.88
CA PHE A 215 -5.09 -17.66 8.72
C PHE A 215 -5.63 -18.52 9.88
N LYS A 216 -5.06 -18.29 11.06
CA LYS A 216 -5.46 -19.09 12.25
C LYS A 216 -6.25 -18.23 13.25
N ILE A 217 -7.36 -18.79 13.74
CA ILE A 217 -8.10 -18.08 14.82
C ILE A 217 -7.22 -18.05 16.08
N GLU A 218 -7.00 -16.86 16.60
CA GLU A 218 -6.25 -16.74 17.85
C GLU A 218 -7.13 -16.49 19.05
N LYS A 219 -8.22 -15.76 18.88
CA LYS A 219 -9.10 -15.44 20.01
C LYS A 219 -10.53 -15.53 19.51
N GLN A 220 -11.43 -16.00 20.36
CA GLN A 220 -12.86 -15.92 20.07
C GLN A 220 -13.55 -15.38 21.32
N PHE A 221 -14.27 -14.25 21.18
CA PHE A 221 -15.03 -13.66 22.29
C PHE A 221 -16.51 -13.84 22.00
N LYS A 222 -17.22 -14.60 22.83
CA LYS A 222 -18.60 -14.97 22.54
C LYS A 222 -19.51 -14.00 23.27
N PHE A 223 -20.61 -13.61 22.63
CA PHE A 223 -21.53 -12.68 23.28
C PHE A 223 -22.82 -13.40 23.64
N GLN A 224 -23.83 -12.63 24.07
CA GLN A 224 -25.06 -13.24 24.55
C GLN A 224 -25.96 -13.66 23.40
N LEU A 225 -26.64 -14.80 23.58
CA LEU A 225 -27.63 -15.21 22.59
C LEU A 225 -28.69 -14.13 22.46
N GLY A 226 -29.00 -13.75 21.22
CA GLY A 226 -29.88 -12.65 20.97
C GLY A 226 -29.18 -11.38 20.55
N ASP A 227 -27.91 -11.22 20.90
CA ASP A 227 -27.17 -10.10 20.34
C ASP A 227 -27.02 -10.28 18.84
N ALA A 228 -26.99 -9.16 18.12
CA ALA A 228 -26.70 -9.20 16.68
C ALA A 228 -25.68 -8.11 16.38
N PRO A 229 -24.42 -8.34 16.74
CA PRO A 229 -23.37 -7.33 16.57
C PRO A 229 -23.04 -7.09 15.11
N SER A 230 -22.34 -5.99 14.85
CA SER A 230 -21.93 -5.71 13.48
C SER A 230 -20.78 -4.71 13.48
N GLU A 231 -20.23 -4.52 12.28
CA GLU A 231 -19.39 -3.36 11.92
C GLU A 231 -18.13 -3.20 12.80
N VAL A 232 -17.24 -4.20 12.76
CA VAL A 232 -15.91 -3.91 13.31
C VAL A 232 -15.26 -2.75 12.55
N GLN A 233 -14.56 -1.90 13.29
CA GLN A 233 -13.92 -0.73 12.74
C GLN A 233 -12.66 -0.46 13.57
N LEU A 234 -11.65 0.14 12.95
CA LEU A 234 -10.40 0.45 13.66
C LEU A 234 -10.18 1.95 13.63
N ASN A 235 -9.44 2.43 14.63
CA ASN A 235 -8.88 3.78 14.55
C ASN A 235 -7.72 3.81 13.55
N GLY A 236 -7.17 5.03 13.34
CA GLY A 236 -6.24 5.23 12.26
C GLY A 236 -4.95 4.47 12.48
N ALA A 237 -4.52 4.36 13.71
CA ALA A 237 -3.30 3.61 14.06
C ALA A 237 -3.53 2.12 13.98
N GLY A 238 -4.78 1.69 13.86
CA GLY A 238 -5.08 0.25 13.88
C GLY A 238 -4.84 -0.41 15.22
N ASP A 239 -5.00 0.33 16.32
CA ASP A 239 -4.76 -0.27 17.64
C ASP A 239 -5.94 -0.19 18.56
N GLU A 240 -7.07 0.37 18.12
CA GLU A 240 -8.27 0.34 18.93
C GLU A 240 -9.38 -0.17 18.04
N LEU A 241 -10.05 -1.20 18.49
CA LEU A 241 -11.12 -1.82 17.74
C LEU A 241 -12.47 -1.36 18.28
N TYR A 242 -13.42 -1.06 17.40
CA TYR A 242 -14.76 -0.66 17.79
C TYR A 242 -15.75 -1.57 17.12
N TRP A 243 -16.92 -1.74 17.74
CA TRP A 243 -17.99 -2.42 17.01
C TRP A 243 -19.33 -2.03 17.60
N ILE A 244 -20.39 -2.45 16.92
CA ILE A 244 -21.76 -2.20 17.35
C ILE A 244 -22.32 -3.45 17.98
N ASN A 245 -22.93 -3.31 19.15
CA ASN A 245 -23.72 -4.38 19.71
C ASN A 245 -24.69 -3.77 20.71
N LYS A 246 -25.73 -3.12 20.17
CA LYS A 246 -26.65 -2.23 20.91
C LYS A 246 -25.90 -0.95 21.30
N ASP A 247 -24.94 -1.08 22.21
CA ASP A 247 -24.01 0.00 22.49
C ASP A 247 -22.94 0.04 21.41
N ILE A 248 -22.10 1.08 21.47
CA ILE A 248 -20.82 1.07 20.77
C ILE A 248 -19.77 0.57 21.75
N TRP A 249 -19.04 -0.45 21.35
CA TRP A 249 -18.01 -1.09 22.17
C TRP A 249 -16.65 -0.79 21.59
N ARG A 250 -15.61 -0.76 22.45
CA ARG A 250 -14.25 -0.69 21.92
C ARG A 250 -13.30 -1.43 22.85
N MET A 251 -12.16 -1.82 22.31
CA MET A 251 -11.08 -2.32 23.16
C MET A 251 -9.78 -2.18 22.40
N SER A 252 -8.68 -2.19 23.15
CA SER A 252 -7.37 -2.25 22.51
C SER A 252 -7.24 -3.56 21.72
N VAL A 253 -6.50 -3.51 20.60
CA VAL A 253 -6.31 -4.72 19.84
C VAL A 253 -5.39 -5.68 20.57
N ASP A 254 -4.76 -5.23 21.64
CA ASP A 254 -3.93 -6.13 22.43
C ASP A 254 -4.66 -6.68 23.65
N GLU A 255 -5.94 -6.39 23.79
CA GLU A 255 -6.69 -6.80 24.98
C GLU A 255 -7.10 -8.26 24.88
N GLU A 256 -7.07 -8.96 26.01
CA GLU A 256 -7.32 -10.40 26.06
C GLU A 256 -8.71 -10.69 26.59
N ARG A 257 -9.42 -9.69 27.07
CA ARG A 257 -10.76 -9.82 27.58
C ARG A 257 -11.61 -8.72 26.95
N VAL A 258 -12.85 -9.02 26.61
CA VAL A 258 -13.72 -7.93 26.13
C VAL A 258 -14.12 -7.06 27.31
N PRO A 259 -14.19 -5.76 27.15
CA PRO A 259 -14.52 -4.93 28.31
C PRO A 259 -15.98 -5.09 28.74
N VAL A 260 -16.22 -4.83 30.01
CA VAL A 260 -17.60 -4.95 30.49
C VAL A 260 -18.36 -3.66 30.20
N ARG A 261 -17.65 -2.50 30.14
CA ARG A 261 -18.25 -1.18 29.91
C ARG A 261 -18.12 -0.77 28.44
N PRO A 262 -19.19 -0.29 27.82
CA PRO A 262 -19.10 0.19 26.44
C PRO A 262 -18.56 1.62 26.36
N PHE A 263 -18.22 1.98 25.12
CA PHE A 263 -17.79 3.34 24.82
C PHE A 263 -18.99 4.29 24.78
N LEU A 264 -20.05 3.89 24.07
CA LEU A 264 -21.24 4.74 23.99
C LEU A 264 -22.48 3.91 24.27
N LYS A 265 -23.29 4.33 25.26
CA LYS A 265 -24.44 3.52 25.64
C LYS A 265 -25.55 3.57 24.60
N TYR A 266 -26.18 2.42 24.45
CA TYR A 266 -27.44 2.29 23.75
C TYR A 266 -28.45 3.32 24.22
N ARG A 267 -29.20 3.89 23.28
CA ARG A 267 -30.17 4.95 23.58
C ARG A 267 -31.56 4.66 22.98
N ASP A 268 -31.91 3.38 22.89
CA ASP A 268 -33.24 2.95 22.39
C ASP A 268 -33.46 3.33 20.93
N THR A 269 -32.36 3.45 20.17
CA THR A 269 -32.46 3.70 18.74
C THR A 269 -31.72 2.59 17.98
N LYS A 270 -31.06 2.92 16.87
CA LYS A 270 -30.52 1.90 15.97
C LYS A 270 -29.14 2.32 15.47
N TYR A 271 -28.12 2.23 16.33
CA TYR A 271 -26.77 2.51 15.84
C TYR A 271 -26.50 1.54 14.69
N TYR A 272 -26.19 2.05 13.52
CA TYR A 272 -26.14 1.22 12.31
C TYR A 272 -24.82 1.30 11.56
N GLY A 273 -24.04 2.36 11.74
CA GLY A 273 -22.77 2.51 11.07
C GLY A 273 -21.82 3.19 12.02
N LEU A 274 -20.55 3.11 11.68
CA LEU A 274 -19.52 3.51 12.62
C LEU A 274 -18.27 3.83 11.85
N THR A 275 -17.58 4.90 12.25
CA THR A 275 -16.23 5.16 11.73
C THR A 275 -15.44 5.94 12.75
N VAL A 276 -14.14 5.93 12.57
CA VAL A 276 -13.21 6.63 13.45
C VAL A 276 -12.35 7.51 12.57
N SER A 277 -12.24 8.79 12.94
CA SER A 277 -11.39 9.67 12.19
C SER A 277 -9.95 9.19 12.23
N PRO A 278 -9.32 8.95 11.09
CA PRO A 278 -7.90 8.59 11.11
C PRO A 278 -7.01 9.77 11.45
N LYS A 279 -7.55 10.99 11.49
CA LYS A 279 -6.76 12.17 11.85
C LYS A 279 -6.72 12.45 13.36
N ASN A 280 -7.86 12.37 14.05
CA ASN A 280 -7.90 12.74 15.45
C ASN A 280 -8.63 11.74 16.33
N GLY A 281 -9.08 10.62 15.79
CA GLY A 281 -9.71 9.59 16.59
C GLY A 281 -11.12 9.88 17.02
N ASP A 282 -11.73 10.96 16.53
CA ASP A 282 -13.16 11.15 16.76
C ASP A 282 -13.93 9.92 16.31
N VAL A 283 -15.00 9.61 17.01
CA VAL A 283 -15.84 8.46 16.72
C VAL A 283 -17.17 8.96 16.19
N TYR A 284 -17.58 8.46 15.02
CA TYR A 284 -18.86 8.85 14.43
C TYR A 284 -19.79 7.66 14.48
N VAL A 285 -21.01 7.89 14.89
CA VAL A 285 -22.01 6.84 15.02
C VAL A 285 -23.16 7.24 14.14
N ALA A 286 -23.49 6.37 13.19
CA ALA A 286 -24.68 6.58 12.35
C ALA A 286 -25.85 5.94 13.08
N ASP A 287 -26.89 6.71 13.29
CA ASP A 287 -28.08 6.22 13.93
C ASP A 287 -29.22 6.22 12.92
N ALA A 288 -29.69 5.02 12.57
CA ALA A 288 -30.82 4.92 11.65
C ALA A 288 -32.13 5.24 12.35
N ILE A 289 -32.09 5.38 13.67
CA ILE A 289 -33.22 5.77 14.51
C ILE A 289 -34.24 4.65 14.51
N ASP A 290 -35.18 4.69 13.57
CA ASP A 290 -36.21 3.65 13.46
C ASP A 290 -36.23 3.04 12.07
N TYR A 291 -35.23 3.34 11.24
CA TYR A 291 -35.12 2.94 9.84
C TYR A 291 -36.17 3.61 8.96
N GLN A 292 -36.83 4.67 9.43
CA GLN A 292 -37.85 5.33 8.62
C GLN A 292 -37.61 6.82 8.53
N GLN A 293 -37.35 7.48 9.65
CA GLN A 293 -37.16 8.92 9.61
C GLN A 293 -35.72 9.25 9.21
N GLN A 294 -35.46 10.54 9.05
CA GLN A 294 -34.13 11.03 8.72
C GLN A 294 -33.13 10.59 9.79
N GLY A 295 -32.00 10.03 9.35
CA GLY A 295 -31.04 9.56 10.32
C GLY A 295 -30.18 10.69 10.85
N MET A 296 -29.42 10.37 11.89
CA MET A 296 -28.51 11.34 12.48
C MET A 296 -27.14 10.71 12.66
N ILE A 297 -26.13 11.56 12.63
CA ILE A 297 -24.77 11.16 12.94
C ILE A 297 -24.39 11.85 14.24
N TYR A 298 -23.88 11.08 15.20
CA TYR A 298 -23.29 11.65 16.43
C TYR A 298 -21.77 11.59 16.32
N ARG A 299 -21.10 12.72 16.58
CA ARG A 299 -19.65 12.79 16.54
C ARG A 299 -19.13 12.94 17.97
N TYR A 300 -18.27 12.03 18.41
CA TYR A 300 -17.68 12.07 19.76
C TYR A 300 -16.17 12.18 19.65
N THR A 301 -15.52 12.78 20.66
CA THR A 301 -14.07 12.64 20.72
C THR A 301 -13.71 11.20 21.11
N GLU A 302 -12.45 10.85 20.90
CA GLU A 302 -11.99 9.54 21.32
C GLU A 302 -12.18 9.36 22.82
N ASP A 303 -12.37 10.44 23.58
CA ASP A 303 -12.62 10.33 25.02
C ASP A 303 -14.10 10.36 25.36
N GLY A 304 -15.00 10.33 24.37
CA GLY A 304 -16.42 10.19 24.62
C GLY A 304 -17.18 11.49 24.81
N GLU A 305 -16.55 12.62 24.47
CA GLU A 305 -17.20 13.93 24.61
C GLU A 305 -17.97 14.21 23.31
N LEU A 306 -19.24 14.56 23.44
CA LEU A 306 -20.02 14.90 22.25
C LEU A 306 -19.50 16.19 21.62
N VAL A 307 -19.18 16.12 20.32
CA VAL A 307 -18.66 17.25 19.57
C VAL A 307 -19.72 17.82 18.63
N ASP A 308 -20.56 16.98 18.06
CA ASP A 308 -21.51 17.45 17.06
C ASP A 308 -22.56 16.38 16.84
N GLU A 309 -23.73 16.81 16.39
CA GLU A 309 -24.72 15.87 15.89
C GLU A 309 -25.37 16.51 14.68
N PHE A 310 -25.63 15.71 13.65
CA PHE A 310 -26.13 16.33 12.44
C PHE A 310 -27.00 15.33 11.68
N TYR A 311 -28.01 15.87 11.01
CA TYR A 311 -28.98 15.08 10.24
C TYR A 311 -28.47 14.83 8.84
N VAL A 312 -28.70 13.59 8.36
CA VAL A 312 -28.18 13.20 7.05
C VAL A 312 -29.36 12.69 6.24
N GLY A 313 -29.23 11.51 5.61
CA GLY A 313 -30.30 10.92 4.86
C GLY A 313 -30.97 9.77 5.63
N ILE A 314 -31.67 8.91 4.88
CA ILE A 314 -32.43 7.81 5.48
C ILE A 314 -31.52 6.59 5.59
N ILE A 315 -31.50 5.97 6.77
CA ILE A 315 -30.66 4.83 7.12
C ILE A 315 -29.20 5.12 6.74
N PRO A 316 -28.51 6.05 7.46
CA PRO A 316 -27.09 6.21 7.27
C PRO A 316 -26.31 4.99 7.81
N GLY A 317 -25.69 4.23 6.91
CA GLY A 317 -25.00 3.02 7.37
C GLY A 317 -23.53 2.82 7.08
N ALA A 318 -22.95 3.70 6.29
CA ALA A 318 -21.52 3.57 5.94
C ALA A 318 -20.85 4.93 5.83
N PHE A 319 -19.54 4.91 6.00
CA PHE A 319 -18.71 6.10 5.97
C PHE A 319 -17.52 5.90 5.07
N CYS A 320 -16.96 7.02 4.56
CA CYS A 320 -15.68 6.95 3.89
C CYS A 320 -14.99 8.28 4.05
N TRP A 321 -13.71 8.24 4.39
CA TRP A 321 -12.95 9.46 4.60
C TRP A 321 -12.35 9.91 3.28
N LYS A 322 -12.39 11.23 3.06
CA LYS A 322 -11.79 11.83 1.86
C LYS A 322 -10.26 11.83 1.91
N ALA B 1 5.14 7.11 -8.62
CA ALA B 1 3.93 6.33 -8.86
C ALA B 1 3.33 6.69 -10.22
N THR B 2 3.16 7.99 -10.49
CA THR B 2 2.51 8.38 -11.74
C THR B 2 3.44 8.22 -12.94
N GLY B 3 4.74 8.49 -12.76
CA GLY B 3 5.63 8.56 -13.90
C GLY B 3 5.63 9.90 -14.60
N ASP B 4 5.05 10.95 -14.01
CA ASP B 4 4.94 12.24 -14.66
C ASP B 4 6.17 13.12 -14.43
N GLY B 5 7.07 12.71 -13.55
CA GLY B 5 8.30 13.46 -13.35
C GLY B 5 9.37 12.53 -12.82
N LEU B 6 10.60 12.83 -13.17
CA LEU B 6 11.72 11.97 -12.84
C LEU B 6 12.75 12.79 -12.08
N PHE B 7 13.11 12.33 -10.87
CA PHE B 7 14.27 12.93 -10.16
C PHE B 7 15.53 12.16 -10.45
N ILE B 8 16.65 12.87 -10.62
CA ILE B 8 17.92 12.22 -10.87
C ILE B 8 18.89 12.66 -9.77
N MET B 9 19.50 11.68 -9.07
CA MET B 9 20.42 12.00 -7.99
C MET B 9 21.82 11.98 -8.59
N ASN B 10 22.49 13.11 -8.58
CA ASN B 10 23.86 13.21 -9.06
C ASN B 10 24.78 13.11 -7.85
N GLU B 11 25.61 12.06 -7.84
CA GLU B 11 26.39 11.78 -6.66
C GLU B 11 27.41 12.88 -6.40
N GLY B 12 27.85 13.54 -7.44
CA GLY B 12 29.02 14.36 -7.18
C GLY B 12 30.22 13.45 -6.95
N ASN B 13 31.32 14.09 -6.54
CA ASN B 13 32.55 13.38 -6.24
C ASN B 13 32.69 13.23 -4.73
N PHE B 14 33.10 12.03 -4.30
CA PHE B 14 33.26 11.74 -2.87
C PHE B 14 34.17 12.78 -2.23
N GLN B 15 33.66 13.42 -1.18
CA GLN B 15 34.33 14.41 -0.36
C GLN B 15 34.49 15.76 -1.04
N TYR B 16 33.92 15.95 -2.22
CA TYR B 16 33.95 17.26 -2.84
C TYR B 16 32.67 18.04 -2.62
N GLY B 17 31.64 17.41 -2.08
CA GLY B 17 30.48 18.19 -1.69
C GLY B 17 29.71 18.81 -2.84
N ASN B 18 29.69 18.14 -4.00
CA ASN B 18 29.11 18.71 -5.21
C ASN B 18 27.99 17.82 -5.74
N ALA B 19 27.34 17.04 -4.88
CA ALA B 19 26.12 16.35 -5.28
C ALA B 19 25.03 17.35 -5.65
N THR B 20 24.15 16.96 -6.58
CA THR B 20 23.05 17.83 -6.95
C THR B 20 21.85 16.96 -7.30
N LEU B 21 20.70 17.60 -7.42
CA LEU B 21 19.45 16.95 -7.73
C LEU B 21 18.89 17.55 -9.03
N SER B 22 18.51 16.68 -9.94
CA SER B 22 17.91 17.11 -11.20
C SER B 22 16.48 16.62 -11.30
N TYR B 23 15.68 17.33 -12.08
CA TYR B 23 14.31 16.93 -12.34
C TYR B 23 14.01 16.96 -13.83
N TYR B 24 13.45 15.88 -14.34
CA TYR B 24 13.11 15.77 -15.77
C TYR B 24 11.62 15.56 -15.94
N ASP B 25 11.02 16.27 -16.90
CA ASP B 25 9.60 16.12 -17.21
C ASP B 25 9.45 15.38 -18.55
N PRO B 26 9.00 14.12 -18.55
CA PRO B 26 9.00 13.33 -19.79
C PRO B 26 8.03 13.85 -20.83
N GLU B 27 7.00 14.55 -20.40
CA GLU B 27 6.02 15.06 -21.35
C GLU B 27 6.59 16.23 -22.13
N THR B 28 7.20 17.17 -21.43
CA THR B 28 7.80 18.33 -22.10
C THR B 28 9.23 18.09 -22.54
N LYS B 29 9.85 17.03 -22.05
CA LYS B 29 11.24 16.67 -22.31
C LYS B 29 12.19 17.75 -21.85
N LYS B 30 11.83 18.45 -20.77
CA LYS B 30 12.63 19.51 -20.20
C LYS B 30 13.31 19.01 -18.95
N VAL B 31 14.61 19.32 -18.79
CA VAL B 31 15.36 18.99 -17.58
C VAL B 31 15.65 20.27 -16.80
N GLU B 32 15.64 20.17 -15.47
CA GLU B 32 16.10 21.24 -14.59
C GLU B 32 17.21 20.68 -13.71
N ASN B 33 18.34 21.37 -13.65
CA ASN B 33 19.46 20.90 -12.84
C ASN B 33 19.64 21.77 -11.59
N GLU B 34 20.40 21.23 -10.64
CA GLU B 34 20.72 21.91 -9.36
C GLU B 34 19.46 22.43 -8.68
N ILE B 35 18.39 21.63 -8.69
CA ILE B 35 17.12 22.18 -8.26
C ILE B 35 17.06 22.37 -6.75
N PHE B 36 17.80 21.57 -5.97
CA PHE B 36 17.75 21.72 -4.52
C PHE B 36 18.47 23.00 -4.12
N TYR B 37 19.67 23.18 -4.68
CA TYR B 37 20.41 24.40 -4.42
C TYR B 37 19.61 25.63 -4.84
N ARG B 38 18.97 25.59 -6.00
CA ARG B 38 18.23 26.77 -6.47
C ARG B 38 17.01 27.05 -5.61
N ALA B 39 16.30 26.02 -5.14
CA ALA B 39 15.13 26.27 -4.32
C ALA B 39 15.46 26.62 -2.88
N ASN B 40 16.62 26.20 -2.37
CA ASN B 40 16.93 26.31 -0.94
C ASN B 40 18.16 27.15 -0.60
N ALA B 41 18.91 27.62 -1.61
CA ALA B 41 20.13 28.42 -1.37
C ALA B 41 21.09 27.67 -0.47
N MET B 42 21.13 26.34 -0.64
CA MET B 42 21.91 25.43 0.17
C MET B 42 22.33 24.25 -0.69
N LYS B 43 23.61 23.88 -0.60
CA LYS B 43 24.11 22.74 -1.36
C LYS B 43 23.49 21.45 -0.83
N LEU B 44 23.26 20.50 -1.74
CA LEU B 44 22.69 19.21 -1.37
C LEU B 44 23.65 18.42 -0.49
N GLY B 45 24.95 18.50 -0.77
CA GLY B 45 25.91 17.81 0.04
C GLY B 45 26.86 16.91 -0.71
N ASP B 46 27.15 15.75 -0.10
CA ASP B 46 28.18 14.85 -0.59
C ASP B 46 27.60 13.46 -0.83
N VAL B 47 27.65 12.99 -2.09
CA VAL B 47 27.17 11.66 -2.51
C VAL B 47 25.67 11.52 -2.29
N ALA B 48 24.86 12.21 -3.09
CA ALA B 48 23.43 11.92 -3.16
C ALA B 48 23.26 10.47 -3.58
N GLN B 49 22.34 9.79 -2.93
CA GLN B 49 22.36 8.33 -2.96
C GLN B 49 21.06 7.68 -3.42
N SER B 50 19.91 8.19 -3.00
CA SER B 50 18.63 7.59 -3.35
C SER B 50 17.53 8.56 -2.99
N MET B 51 16.32 8.22 -3.38
CA MET B 51 15.18 9.06 -3.08
C MET B 51 13.90 8.25 -3.17
N ILE B 52 12.94 8.58 -2.32
CA ILE B 52 11.58 8.08 -2.52
C ILE B 52 10.63 9.26 -2.47
N VAL B 53 9.48 9.10 -3.12
CA VAL B 53 8.41 10.10 -3.06
C VAL B 53 7.24 9.46 -2.33
N ARG B 54 6.70 10.17 -1.37
CA ARG B 54 5.53 9.73 -0.61
C ARG B 54 4.62 10.91 -0.41
N ASP B 55 3.47 10.92 -1.10
CA ASP B 55 2.44 11.95 -0.88
C ASP B 55 3.01 13.35 -1.04
N THR B 56 3.56 13.62 -2.22
CA THR B 56 4.09 14.93 -2.59
C THR B 56 5.32 15.37 -1.80
N ILE B 57 5.87 14.53 -0.93
CA ILE B 57 7.13 14.84 -0.25
C ILE B 57 8.17 13.86 -0.77
N GLY B 58 9.32 14.38 -1.16
CA GLY B 58 10.39 13.56 -1.63
C GLY B 58 11.38 13.46 -0.47
N TRP B 59 11.93 12.26 -0.28
CA TRP B 59 12.91 12.04 0.79
C TRP B 59 14.22 11.71 0.09
N VAL B 60 15.17 12.63 0.14
CA VAL B 60 16.40 12.52 -0.63
C VAL B 60 17.52 12.09 0.30
N VAL B 61 18.07 10.90 0.08
CA VAL B 61 19.15 10.40 0.95
C VAL B 61 20.47 10.92 0.40
N VAL B 62 21.24 11.63 1.23
CA VAL B 62 22.56 12.14 0.88
C VAL B 62 23.57 11.40 1.75
N ASN B 63 24.18 10.38 1.13
CA ASN B 63 24.92 9.37 1.87
C ASN B 63 26.07 9.94 2.70
N ASN B 64 26.94 10.76 2.09
CA ASN B 64 28.11 11.18 2.83
C ASN B 64 27.91 12.54 3.49
N SER B 65 26.67 12.99 3.55
CA SER B 65 26.27 14.10 4.42
C SER B 65 25.46 13.61 5.59
N HIS B 66 25.20 12.30 5.71
CA HIS B 66 24.60 11.75 6.93
C HIS B 66 23.20 12.28 7.16
N VAL B 67 22.46 12.48 6.06
CA VAL B 67 21.22 13.23 6.15
C VAL B 67 20.24 12.74 5.11
N ILE B 68 18.96 12.84 5.44
CA ILE B 68 17.90 12.73 4.45
C ILE B 68 17.10 14.01 4.50
N PHE B 69 16.88 14.61 3.35
CA PHE B 69 16.05 15.80 3.28
C PHE B 69 14.65 15.46 2.85
N ALA B 70 13.66 16.03 3.53
CA ALA B 70 12.29 15.98 3.03
C ALA B 70 12.04 17.26 2.23
N ILE B 71 11.63 17.13 0.97
CA ILE B 71 11.41 18.31 0.13
C ILE B 71 10.03 18.21 -0.53
N SER B 72 9.45 19.37 -0.86
CA SER B 72 8.27 19.37 -1.69
C SER B 72 8.59 18.87 -3.10
N THR B 73 7.76 17.96 -3.62
CA THR B 73 8.02 17.55 -4.99
C THR B 73 7.53 18.59 -6.00
N ASN B 74 6.86 19.66 -5.56
CA ASN B 74 6.46 20.72 -6.49
C ASN B 74 7.50 21.82 -6.54
N THR B 75 7.92 22.32 -5.39
CA THR B 75 8.82 23.46 -5.30
C THR B 75 10.25 23.07 -5.02
N PHE B 76 10.50 21.85 -4.58
CA PHE B 76 11.83 21.37 -4.20
C PHE B 76 12.33 22.06 -2.93
N LYS B 77 11.45 22.74 -2.20
CA LYS B 77 11.77 23.42 -0.96
C LYS B 77 11.89 22.38 0.18
N GLU B 78 12.97 22.48 0.97
CA GLU B 78 13.10 21.61 2.12
C GLU B 78 11.98 21.87 3.12
N VAL B 79 11.35 20.78 3.59
CA VAL B 79 10.39 20.86 4.69
C VAL B 79 10.95 20.27 6.00
N GLY B 80 11.98 19.46 5.93
CA GLY B 80 12.62 18.92 7.14
C GLY B 80 13.82 18.09 6.75
N ARG B 81 14.53 17.62 7.77
CA ARG B 81 15.71 16.80 7.54
C ARG B 81 15.92 15.87 8.72
N ILE B 82 16.50 14.71 8.43
CA ILE B 82 16.89 13.73 9.44
C ILE B 82 18.39 13.65 9.41
N THR B 83 19.05 13.98 10.52
CA THR B 83 20.50 13.95 10.59
C THR B 83 20.94 12.83 11.51
N GLY B 84 22.26 12.72 11.68
CA GLY B 84 22.74 11.70 12.59
C GLY B 84 22.80 10.32 12.00
N LEU B 85 22.80 10.20 10.67
CA LEU B 85 22.76 8.88 10.02
C LEU B 85 24.17 8.43 9.66
N THR B 86 24.55 7.25 10.09
CA THR B 86 25.93 6.78 9.91
C THR B 86 26.42 6.94 8.47
N SER B 87 25.71 6.35 7.51
CA SER B 87 26.05 6.43 6.11
C SER B 87 24.81 5.90 5.38
N PRO B 88 23.76 6.70 5.29
CA PRO B 88 22.45 6.13 4.89
C PRO B 88 22.40 5.71 3.42
N ARG B 89 21.56 4.70 3.19
CA ARG B 89 21.45 4.10 1.84
C ARG B 89 20.05 4.27 1.30
N TYR B 90 19.04 3.68 1.95
CA TYR B 90 17.66 3.75 1.48
C TYR B 90 16.74 4.00 2.68
N ILE B 91 15.59 4.59 2.40
CA ILE B 91 14.52 4.77 3.38
C ILE B 91 13.28 4.06 2.88
N HIS B 92 12.61 3.35 3.78
CA HIS B 92 11.38 2.65 3.46
C HIS B 92 10.37 2.91 4.57
N PHE B 93 9.19 3.37 4.18
CA PHE B 93 8.17 3.74 5.16
C PHE B 93 7.38 2.53 5.57
N ILE B 94 7.22 2.37 6.88
CA ILE B 94 6.33 1.33 7.43
C ILE B 94 4.94 1.89 7.65
N SER B 95 4.90 3.13 8.10
CA SER B 95 3.66 3.87 8.32
C SER B 95 4.02 5.33 8.24
N ASP B 96 3.02 6.20 8.45
CA ASP B 96 3.36 7.63 8.47
C ASP B 96 4.29 8.00 9.61
N GLU B 97 4.34 7.19 10.67
CA GLU B 97 5.11 7.51 11.85
C GLU B 97 6.34 6.63 12.02
N LYS B 98 6.64 5.78 11.04
CA LYS B 98 7.75 4.85 11.22
C LYS B 98 8.42 4.55 9.88
N ALA B 99 9.72 4.79 9.79
CA ALA B 99 10.44 4.36 8.58
C ALA B 99 11.77 3.76 8.98
N TYR B 100 12.31 2.92 8.11
CA TYR B 100 13.60 2.27 8.31
C TYR B 100 14.60 2.93 7.38
N ILE B 101 15.81 3.18 7.87
CA ILE B 101 16.88 3.74 7.02
C ILE B 101 18.07 2.80 7.09
N THR B 102 18.42 2.20 5.98
CA THR B 102 19.56 1.30 5.95
C THR B 102 20.86 2.08 5.88
N GLN B 103 21.97 1.38 6.12
CA GLN B 103 23.24 2.05 6.34
C GLN B 103 24.34 1.19 5.76
N ILE B 104 25.46 1.83 5.39
CA ILE B 104 26.73 1.10 5.23
C ILE B 104 27.65 1.51 6.40
N TRP B 105 28.57 0.62 6.79
CA TRP B 105 29.46 0.84 7.94
C TRP B 105 28.69 0.96 9.25
N ASP B 106 27.58 0.23 9.34
CA ASP B 106 26.80 0.15 10.56
C ASP B 106 26.14 -1.22 10.53
N TYR B 107 26.01 -1.85 11.69
CA TYR B 107 25.27 -3.09 11.77
C TYR B 107 23.79 -2.87 12.09
N ARG B 108 23.37 -1.62 12.21
CA ARG B 108 22.01 -1.28 12.59
C ARG B 108 21.26 -0.62 11.44
N ILE B 109 20.01 -0.95 11.33
CA ILE B 109 19.06 -0.17 10.53
C ILE B 109 18.39 0.84 11.44
N PHE B 110 18.40 2.11 11.03
CA PHE B 110 17.82 3.14 11.89
C PHE B 110 16.30 3.18 11.72
N ILE B 111 15.59 3.37 12.82
CA ILE B 111 14.16 3.59 12.78
C ILE B 111 13.93 5.06 13.07
N VAL B 112 13.13 5.70 12.24
CA VAL B 112 12.81 7.11 12.44
C VAL B 112 11.30 7.31 12.47
N ASN B 113 10.91 8.45 13.07
CA ASN B 113 9.54 8.92 12.98
C ASN B 113 9.59 10.06 11.98
N PRO B 114 9.07 9.87 10.76
CA PRO B 114 9.19 10.92 9.74
C PRO B 114 8.40 12.18 10.06
N LYS B 115 7.41 12.09 10.96
CA LYS B 115 6.68 13.28 11.35
C LYS B 115 7.53 14.18 12.26
N THR B 116 8.37 13.60 13.13
CA THR B 116 9.21 14.41 14.02
C THR B 116 10.65 14.56 13.52
N TYR B 117 11.02 13.82 12.48
CA TYR B 117 12.38 13.75 11.95
C TYR B 117 13.38 13.16 12.94
N GLN B 118 12.91 12.45 13.98
CA GLN B 118 13.80 11.94 15.00
C GLN B 118 14.06 10.46 14.80
N ILE B 119 15.27 10.05 15.15
CA ILE B 119 15.61 8.63 15.28
C ILE B 119 14.95 8.11 16.55
N THR B 120 14.18 7.03 16.44
CA THR B 120 13.47 6.48 17.58
C THR B 120 13.97 5.12 18.01
N GLY B 121 14.83 4.48 17.23
CA GLY B 121 15.35 3.20 17.66
C GLY B 121 16.21 2.61 16.58
N TYR B 122 16.61 1.36 16.79
CA TYR B 122 17.53 0.69 15.89
C TYR B 122 17.14 -0.77 15.76
N ILE B 123 17.38 -1.31 14.58
CA ILE B 123 17.24 -2.75 14.36
C ILE B 123 18.66 -3.28 14.25
N GLU B 124 19.03 -4.19 15.16
CA GLU B 124 20.38 -4.75 15.11
C GLU B 124 20.40 -5.94 14.16
N CYS B 125 21.27 -5.88 13.16
CA CYS B 125 21.41 -7.01 12.25
C CYS B 125 22.36 -8.04 12.84
N PRO B 126 22.00 -9.32 12.80
CA PRO B 126 22.88 -10.35 13.38
C PRO B 126 24.15 -10.55 12.57
N ASP B 127 25.22 -10.92 13.30
CA ASP B 127 26.49 -11.29 12.67
C ASP B 127 27.01 -10.16 11.77
N MET B 128 26.96 -8.94 12.28
CA MET B 128 27.42 -7.79 11.52
C MET B 128 28.12 -6.84 12.48
N THR B 129 29.12 -6.11 11.98
CA THR B 129 29.90 -5.17 12.78
C THR B 129 29.74 -3.79 12.18
N MET B 130 30.16 -2.77 12.94
CA MET B 130 30.30 -1.45 12.30
C MET B 130 31.33 -1.42 11.18
N GLU B 131 32.36 -2.26 11.26
CA GLU B 131 33.46 -2.16 10.30
C GLU B 131 33.05 -2.65 8.93
N THR B 132 32.21 -3.67 8.86
CA THR B 132 31.84 -4.16 7.52
C THR B 132 30.34 -4.28 7.35
N GLY B 133 29.56 -3.65 8.22
CA GLY B 133 28.11 -3.78 8.14
C GLY B 133 27.56 -3.12 6.88
N SER B 134 26.47 -3.69 6.37
CA SER B 134 25.88 -3.13 5.14
C SER B 134 24.45 -3.61 5.06
N THR B 135 23.52 -2.67 5.00
CA THR B 135 22.15 -2.95 4.60
C THR B 135 21.78 -1.98 3.48
N GLU B 136 20.91 -2.43 2.59
CA GLU B 136 20.70 -1.66 1.34
C GLU B 136 19.21 -1.47 1.01
N GLN B 137 18.73 -2.13 -0.06
CA GLN B 137 17.35 -1.92 -0.50
C GLN B 137 16.34 -2.75 0.30
N MET B 138 15.12 -2.25 0.33
CA MET B 138 14.08 -2.91 1.14
C MET B 138 12.80 -3.13 0.35
N VAL B 139 12.17 -4.27 0.59
CA VAL B 139 10.84 -4.46 0.04
C VAL B 139 9.99 -4.97 1.19
N GLN B 140 8.68 -4.82 1.08
CA GLN B 140 7.81 -5.24 2.17
C GLN B 140 6.80 -6.24 1.65
N TYR B 141 6.60 -7.34 2.38
CA TYR B 141 5.59 -8.32 2.06
C TYR B 141 4.79 -8.54 3.33
N GLY B 142 3.51 -8.15 3.34
CA GLY B 142 2.77 -8.30 4.60
C GLY B 142 3.44 -7.54 5.74
N LYS B 143 3.66 -8.26 6.85
CA LYS B 143 4.26 -7.63 8.03
C LYS B 143 5.77 -7.59 7.95
N TYR B 144 6.37 -8.18 6.91
CA TYR B 144 7.82 -8.32 6.89
C TYR B 144 8.47 -7.36 5.91
N VAL B 145 9.62 -6.82 6.32
CA VAL B 145 10.51 -6.11 5.41
C VAL B 145 11.70 -7.02 5.13
N TYR B 146 12.03 -7.17 3.86
CA TYR B 146 13.22 -7.88 3.42
C TYR B 146 14.25 -6.86 2.98
N VAL B 147 15.52 -7.13 3.26
CA VAL B 147 16.56 -6.16 2.95
C VAL B 147 17.76 -6.93 2.45
N ASN B 148 18.40 -6.45 1.39
CA ASN B 148 19.65 -7.10 0.99
C ASN B 148 20.83 -6.48 1.73
N CYS B 149 21.82 -7.32 2.02
CA CYS B 149 23.04 -6.91 2.73
C CYS B 149 24.17 -7.00 1.73
N TRP B 150 24.78 -5.85 1.39
CA TRP B 150 25.60 -5.83 0.18
C TRP B 150 27.10 -5.94 0.44
N SER B 151 27.70 -4.89 0.94
CA SER B 151 29.16 -4.79 1.02
C SER B 151 29.71 -5.77 2.06
N TYR B 152 30.54 -6.72 1.63
CA TYR B 152 31.11 -7.73 2.53
C TYR B 152 30.02 -8.54 3.25
N GLN B 153 28.86 -8.74 2.59
CA GLN B 153 27.79 -9.55 3.14
C GLN B 153 27.25 -10.44 2.04
N ASN B 154 26.41 -11.41 2.45
CA ASN B 154 25.91 -12.38 1.49
C ASN B 154 24.51 -12.84 1.87
N ARG B 155 23.68 -11.91 2.36
CA ARG B 155 22.39 -12.33 2.92
C ARG B 155 21.27 -11.38 2.55
N ILE B 156 20.06 -11.93 2.53
CA ILE B 156 18.84 -11.15 2.62
C ILE B 156 18.32 -11.34 4.03
N LEU B 157 17.91 -10.26 4.69
CA LEU B 157 17.36 -10.38 6.04
C LEU B 157 15.87 -10.17 6.03
N LYS B 158 15.19 -10.79 6.99
CA LYS B 158 13.73 -10.68 7.09
C LYS B 158 13.43 -10.01 8.43
N ILE B 159 12.72 -8.90 8.41
CA ILE B 159 12.44 -8.10 9.60
C ILE B 159 10.94 -8.12 9.86
N ASP B 160 10.55 -8.45 11.11
CA ASP B 160 9.15 -8.36 11.50
C ASP B 160 8.82 -6.92 11.87
N THR B 161 7.99 -6.23 11.10
CA THR B 161 7.76 -4.83 11.43
C THR B 161 6.91 -4.65 12.67
N THR B 162 6.28 -5.71 13.16
CA THR B 162 5.54 -5.53 14.42
C THR B 162 6.42 -5.53 15.65
N THR B 163 7.64 -6.01 15.56
CA THR B 163 8.62 -6.00 16.64
C THR B 163 9.90 -5.25 16.32
N ASP B 164 10.10 -4.89 15.05
CA ASP B 164 11.34 -4.25 14.60
C ASP B 164 12.56 -5.13 14.86
N LYS B 165 12.40 -6.42 14.64
CA LYS B 165 13.48 -7.36 14.86
C LYS B 165 13.74 -8.17 13.59
N VAL B 166 15.01 -8.48 13.35
CA VAL B 166 15.35 -9.50 12.34
C VAL B 166 14.90 -10.85 12.87
N VAL B 167 14.10 -11.57 12.07
CA VAL B 167 13.56 -12.87 12.45
C VAL B 167 14.05 -13.99 11.55
N ASP B 168 14.72 -13.70 10.44
CA ASP B 168 15.24 -14.76 9.58
C ASP B 168 16.24 -14.15 8.62
N GLN B 169 16.98 -15.04 7.96
CA GLN B 169 17.93 -14.63 6.96
C GLN B 169 18.04 -15.72 5.92
N LEU B 170 18.52 -15.31 4.77
CA LEU B 170 18.69 -16.23 3.66
C LEU B 170 20.05 -15.94 3.07
N THR B 171 20.90 -16.97 2.99
CA THR B 171 22.21 -16.82 2.37
C THR B 171 22.12 -16.92 0.85
N VAL B 172 22.72 -15.96 0.18
CA VAL B 172 22.84 -15.96 -1.27
C VAL B 172 24.31 -15.78 -1.62
N GLY B 173 24.57 -15.67 -2.93
CA GLY B 173 25.91 -15.35 -3.39
C GLY B 173 26.45 -14.09 -2.75
N ILE B 174 27.77 -13.89 -2.79
CA ILE B 174 28.30 -12.73 -2.09
C ILE B 174 27.80 -11.44 -2.74
N GLN B 175 27.47 -10.49 -1.88
CA GLN B 175 27.17 -9.09 -2.20
C GLN B 175 25.95 -8.96 -3.11
N PRO B 176 24.77 -9.38 -2.66
CA PRO B 176 23.54 -9.01 -3.37
C PRO B 176 23.40 -7.49 -3.35
N THR B 177 23.08 -6.92 -4.52
CA THR B 177 23.22 -5.49 -4.70
C THR B 177 21.93 -4.72 -4.51
N SER B 178 20.81 -5.36 -4.77
CA SER B 178 19.57 -4.63 -4.97
C SER B 178 18.46 -5.64 -4.72
N LEU B 179 17.26 -5.14 -4.51
CA LEU B 179 16.16 -6.03 -4.13
C LEU B 179 14.85 -5.42 -4.57
N VAL B 180 14.05 -6.16 -5.39
CA VAL B 180 12.75 -5.67 -5.81
C VAL B 180 11.76 -6.81 -5.69
N MET B 181 10.48 -6.45 -5.78
CA MET B 181 9.42 -7.48 -5.71
C MET B 181 8.45 -7.33 -6.89
N ASP B 182 8.23 -8.41 -7.60
CA ASP B 182 7.42 -8.36 -8.81
C ASP B 182 5.93 -8.57 -8.53
N LYS B 183 5.15 -8.57 -9.60
CA LYS B 183 3.71 -8.62 -9.48
C LYS B 183 3.21 -9.97 -9.00
N ASN B 184 4.07 -10.99 -9.03
CA ASN B 184 3.76 -12.31 -8.48
C ASN B 184 4.24 -12.45 -7.04
N PHE B 185 4.69 -11.34 -6.42
CA PHE B 185 5.24 -11.33 -5.08
C PHE B 185 6.43 -12.27 -4.97
N LYS B 186 7.25 -12.26 -6.04
CA LYS B 186 8.56 -12.86 -6.02
C LYS B 186 9.58 -11.74 -5.91
N MET B 187 10.53 -11.93 -5.00
CA MET B 187 11.62 -10.97 -4.84
C MET B 187 12.74 -11.35 -5.80
N TRP B 188 13.45 -10.32 -6.29
CA TRP B 188 14.60 -10.56 -7.15
C TRP B 188 15.78 -9.83 -6.56
N THR B 189 16.92 -10.50 -6.55
CA THR B 189 18.14 -9.82 -6.17
C THR B 189 19.21 -10.30 -7.12
N ILE B 190 20.17 -9.43 -7.39
CA ILE B 190 21.30 -9.81 -8.24
C ILE B 190 22.60 -9.49 -7.50
N THR B 191 23.54 -10.42 -7.52
CA THR B 191 24.76 -10.18 -6.76
C THR B 191 25.84 -9.62 -7.70
N ASP B 192 26.89 -9.04 -7.11
CA ASP B 192 27.91 -8.50 -7.99
C ASP B 192 29.16 -9.38 -8.05
N GLY B 193 29.21 -10.45 -7.26
CA GLY B 193 30.31 -11.39 -7.34
C GLY B 193 31.61 -10.96 -6.68
N GLY B 194 31.60 -9.86 -5.94
CA GLY B 194 32.88 -9.39 -5.41
C GLY B 194 33.75 -8.84 -6.53
N TYR B 195 35.06 -8.99 -6.39
CA TYR B 195 35.96 -8.56 -7.45
C TYR B 195 37.31 -9.22 -7.25
N LYS B 196 38.11 -9.25 -8.32
CA LYS B 196 39.39 -9.95 -8.26
C LYS B 196 40.31 -9.23 -7.29
N GLY B 197 40.77 -9.96 -6.26
CA GLY B 197 41.56 -9.36 -5.19
C GLY B 197 40.76 -8.86 -4.01
N SER B 198 39.44 -9.00 -4.02
CA SER B 198 38.64 -8.54 -2.89
C SER B 198 39.01 -9.28 -1.62
N PRO B 199 39.07 -8.59 -0.47
CA PRO B 199 39.27 -9.29 0.80
C PRO B 199 38.11 -10.17 1.16
N TYR B 200 36.96 -10.00 0.51
CA TYR B 200 35.76 -10.75 0.88
C TYR B 200 35.54 -11.96 -0.02
N GLY B 201 35.56 -11.76 -1.34
CA GLY B 201 35.36 -12.90 -2.21
C GLY B 201 35.30 -12.46 -3.64
N TYR B 202 35.32 -13.47 -4.51
CA TYR B 202 35.24 -13.27 -5.95
C TYR B 202 34.67 -14.55 -6.54
N GLU B 203 33.54 -14.46 -7.24
CA GLU B 203 32.84 -15.65 -7.70
C GLU B 203 31.90 -15.22 -8.79
N GLU B 204 31.37 -16.23 -9.52
CA GLU B 204 30.34 -15.97 -10.49
C GLU B 204 29.14 -15.32 -9.79
N PRO B 205 28.65 -14.19 -10.29
CA PRO B 205 27.49 -13.56 -9.67
C PRO B 205 26.22 -14.24 -10.16
N SER B 206 25.13 -13.98 -9.44
CA SER B 206 23.86 -14.65 -9.75
C SER B 206 22.67 -13.71 -9.59
N LEU B 207 21.61 -14.03 -10.34
CA LEU B 207 20.29 -13.41 -10.24
C LEU B 207 19.38 -14.45 -9.59
N TYR B 208 18.69 -14.06 -8.50
CA TYR B 208 17.80 -14.99 -7.83
C TYR B 208 16.36 -14.50 -7.87
N ARG B 209 15.45 -15.45 -7.98
CA ARG B 209 14.02 -15.23 -7.77
C ARG B 209 13.67 -15.92 -6.46
N ILE B 210 13.04 -15.20 -5.54
CA ILE B 210 12.83 -15.70 -4.17
C ILE B 210 11.37 -15.47 -3.83
N ASP B 211 10.64 -16.52 -3.45
CA ASP B 211 9.23 -16.30 -3.07
C ASP B 211 9.15 -15.43 -1.82
N ALA B 212 8.37 -14.36 -1.87
CA ALA B 212 8.31 -13.48 -0.71
C ALA B 212 7.50 -14.10 0.42
N GLU B 213 6.44 -14.83 0.11
CA GLU B 213 5.64 -15.36 1.21
C GLU B 213 6.42 -16.36 2.04
N THR B 214 7.18 -17.22 1.37
CA THR B 214 7.86 -18.31 2.07
C THR B 214 9.36 -18.10 2.20
N PHE B 215 9.91 -17.02 1.62
CA PHE B 215 11.34 -16.70 1.73
C PHE B 215 12.19 -17.83 1.16
N LYS B 216 11.70 -18.45 0.10
CA LYS B 216 12.38 -19.59 -0.49
C LYS B 216 12.93 -19.24 -1.87
N ILE B 217 14.19 -19.57 -2.10
CA ILE B 217 14.77 -19.41 -3.45
C ILE B 217 14.06 -20.30 -4.43
N GLU B 218 13.61 -19.72 -5.52
CA GLU B 218 12.97 -20.48 -6.59
C GLU B 218 13.83 -20.64 -7.81
N LYS B 219 14.64 -19.66 -8.16
CA LYS B 219 15.49 -19.74 -9.36
C LYS B 219 16.80 -19.06 -9.06
N GLN B 220 17.89 -19.60 -9.62
CA GLN B 220 19.17 -18.95 -9.58
C GLN B 220 19.74 -18.99 -10.99
N PHE B 221 20.07 -17.83 -11.53
CA PHE B 221 20.69 -17.72 -12.84
C PHE B 221 22.11 -17.22 -12.63
N LYS B 222 23.11 -18.02 -13.02
CA LYS B 222 24.50 -17.66 -12.78
C LYS B 222 25.11 -17.03 -14.01
N PHE B 223 25.98 -16.05 -13.80
CA PHE B 223 26.64 -15.34 -14.88
C PHE B 223 28.11 -15.70 -14.87
N GLN B 224 28.90 -14.98 -15.65
CA GLN B 224 30.30 -15.33 -15.82
C GLN B 224 31.16 -14.69 -14.75
N LEU B 225 32.22 -15.43 -14.34
CA LEU B 225 33.21 -14.84 -13.45
C LEU B 225 33.79 -13.58 -14.06
N GLY B 226 33.85 -12.52 -13.26
CA GLY B 226 34.28 -11.24 -13.78
C GLY B 226 33.16 -10.26 -14.05
N ASP B 227 31.94 -10.76 -14.30
CA ASP B 227 30.79 -9.86 -14.40
C ASP B 227 30.54 -9.23 -13.04
N ALA B 228 30.05 -7.99 -13.03
CA ALA B 228 29.64 -7.30 -11.80
C ALA B 228 28.26 -6.67 -12.01
N PRO B 229 27.20 -7.48 -12.02
CA PRO B 229 25.87 -6.95 -12.29
C PRO B 229 25.40 -6.05 -11.17
N SER B 230 24.31 -5.29 -11.41
CA SER B 230 23.77 -4.42 -10.38
C SER B 230 22.38 -3.99 -10.80
N GLU B 231 21.66 -3.37 -9.85
CA GLU B 231 20.45 -2.58 -10.09
C GLU B 231 19.35 -3.41 -10.76
N VAL B 232 19.02 -4.56 -10.18
CA VAL B 232 17.84 -5.26 -10.66
C VAL B 232 16.63 -4.40 -10.33
N GLN B 233 15.75 -4.31 -11.32
CA GLN B 233 14.57 -3.47 -11.16
C GLN B 233 13.41 -3.93 -12.06
N LEU B 234 12.28 -3.26 -11.91
CA LEU B 234 11.07 -3.68 -12.61
C LEU B 234 10.44 -2.51 -13.37
N ASN B 235 9.65 -2.86 -14.39
CA ASN B 235 8.71 -1.92 -14.98
C ASN B 235 7.52 -1.68 -14.04
N GLY B 236 6.59 -0.81 -14.47
CA GLY B 236 5.56 -0.36 -13.55
C GLY B 236 4.60 -1.47 -13.16
N ALA B 237 4.29 -2.37 -14.12
CA ALA B 237 3.38 -3.49 -13.90
C ALA B 237 4.05 -4.58 -13.04
N GLY B 238 5.35 -4.47 -12.80
CA GLY B 238 6.08 -5.52 -12.12
C GLY B 238 6.16 -6.82 -12.89
N ASP B 239 6.15 -6.76 -14.23
CA ASP B 239 6.23 -8.02 -14.99
C ASP B 239 7.39 -8.08 -15.95
N GLU B 240 8.23 -7.05 -15.99
CA GLU B 240 9.46 -7.10 -16.77
C GLU B 240 10.61 -6.67 -15.86
N LEU B 241 11.60 -7.50 -15.78
CA LEU B 241 12.78 -7.30 -14.94
C LEU B 241 13.91 -6.73 -15.80
N TYR B 242 14.63 -5.76 -15.24
CA TYR B 242 15.79 -5.16 -15.89
C TYR B 242 16.99 -5.24 -14.97
N TRP B 243 18.18 -5.30 -15.55
CA TRP B 243 19.36 -5.12 -14.69
C TRP B 243 20.51 -4.68 -15.58
N ILE B 244 21.59 -4.28 -14.92
CA ILE B 244 22.82 -3.89 -15.60
C ILE B 244 23.80 -5.04 -15.46
N ASN B 245 24.43 -5.42 -16.59
CA ASN B 245 25.55 -6.33 -16.57
C ASN B 245 26.39 -6.07 -17.80
N LYS B 246 27.08 -4.93 -17.79
CA LYS B 246 27.75 -4.36 -18.97
C LYS B 246 26.74 -3.82 -19.97
N ASP B 247 25.86 -4.69 -20.47
CA ASP B 247 24.71 -4.26 -21.25
C ASP B 247 23.55 -3.99 -20.28
N ILE B 248 22.47 -3.45 -20.82
CA ILE B 248 21.19 -3.43 -20.12
C ILE B 248 20.43 -4.70 -20.55
N TRP B 249 20.05 -5.51 -19.57
CA TRP B 249 19.37 -6.79 -19.81
C TRP B 249 17.92 -6.67 -19.34
N ARG B 250 17.01 -7.41 -20.01
CA ARG B 250 15.67 -7.52 -19.46
C ARG B 250 15.10 -8.88 -19.76
N MET B 251 14.10 -9.25 -18.96
CA MET B 251 13.39 -10.49 -19.25
C MET B 251 12.03 -10.42 -18.57
N SER B 252 11.08 -11.20 -19.07
CA SER B 252 9.80 -11.34 -18.37
C SER B 252 10.00 -11.97 -17.00
N VAL B 253 9.19 -11.56 -16.01
CA VAL B 253 9.36 -12.15 -14.69
C VAL B 253 8.93 -13.62 -14.66
N ASP B 254 8.32 -14.11 -15.73
CA ASP B 254 7.96 -15.51 -15.84
C ASP B 254 8.95 -16.35 -16.66
N GLU B 255 10.08 -15.76 -17.02
CA GLU B 255 11.05 -16.49 -17.86
C GLU B 255 11.81 -17.52 -17.02
N GLU B 256 12.08 -18.68 -17.60
CA GLU B 256 12.84 -19.74 -16.90
C GLU B 256 14.27 -19.77 -17.42
N ARG B 257 14.55 -18.96 -18.44
CA ARG B 257 15.90 -18.87 -19.02
C ARG B 257 16.29 -17.40 -19.21
N VAL B 258 17.53 -17.04 -18.88
CA VAL B 258 17.96 -15.65 -19.18
C VAL B 258 18.19 -15.50 -20.68
N PRO B 259 17.72 -14.39 -21.30
CA PRO B 259 17.90 -14.25 -22.73
C PRO B 259 19.36 -14.07 -23.10
N VAL B 260 19.68 -14.49 -24.31
CA VAL B 260 21.07 -14.34 -24.82
C VAL B 260 21.27 -12.91 -25.31
N ARG B 261 20.20 -12.28 -25.76
CA ARG B 261 20.29 -10.91 -26.31
C ARG B 261 19.87 -9.88 -25.27
N PRO B 262 20.69 -8.84 -25.09
CA PRO B 262 20.36 -7.76 -24.14
C PRO B 262 19.39 -6.76 -24.77
N PHE B 263 18.85 -5.88 -23.91
CA PHE B 263 17.97 -4.83 -24.40
C PHE B 263 18.79 -3.72 -25.06
N LEU B 264 19.86 -3.31 -24.40
CA LEU B 264 20.77 -2.30 -24.92
C LEU B 264 22.17 -2.90 -24.85
N LYS B 265 22.81 -3.05 -26.00
CA LYS B 265 24.15 -3.65 -26.01
C LYS B 265 25.17 -2.62 -25.60
N TYR B 266 26.08 -3.03 -24.74
CA TYR B 266 27.23 -2.19 -24.46
C TYR B 266 28.23 -1.97 -25.57
N ARG B 267 28.37 -0.70 -25.93
CA ARG B 267 29.34 -0.35 -27.00
C ARG B 267 30.18 0.87 -26.59
N ASP B 268 29.59 2.06 -26.61
CA ASP B 268 30.42 3.26 -26.37
C ASP B 268 30.04 3.96 -25.08
N THR B 269 29.05 3.43 -24.35
CA THR B 269 28.58 4.10 -23.13
C THR B 269 28.58 3.12 -21.96
N LYS B 270 29.33 3.43 -20.91
CA LYS B 270 29.28 2.59 -19.69
C LYS B 270 28.02 3.00 -18.90
N TYR B 271 27.12 2.05 -18.68
CA TYR B 271 25.83 2.36 -18.01
C TYR B 271 26.00 2.42 -16.50
N TYR B 272 25.90 3.62 -15.95
CA TYR B 272 26.16 3.79 -14.50
C TYR B 272 24.86 3.64 -13.73
N GLY B 273 23.71 3.83 -14.37
CA GLY B 273 22.47 3.79 -13.62
C GLY B 273 21.36 3.45 -14.60
N LEU B 274 20.20 3.08 -14.06
CA LEU B 274 19.10 2.56 -14.88
C LEU B 274 17.78 2.79 -14.14
N THR B 275 16.75 3.22 -14.87
CA THR B 275 15.39 3.20 -14.34
C THR B 275 14.39 3.00 -15.50
N VAL B 276 13.17 2.63 -15.13
CA VAL B 276 12.09 2.32 -16.07
C VAL B 276 10.87 3.14 -15.67
N SER B 277 10.30 3.85 -16.63
CA SER B 277 9.12 4.63 -16.32
C SER B 277 7.98 3.73 -15.89
N PRO B 278 7.38 3.95 -14.72
CA PRO B 278 6.23 3.10 -14.35
C PRO B 278 5.01 3.44 -15.16
N LYS B 279 5.03 4.53 -15.93
CA LYS B 279 3.87 4.93 -16.69
C LYS B 279 3.87 4.33 -18.10
N ASN B 280 5.00 4.36 -18.82
CA ASN B 280 5.00 3.94 -20.22
C ASN B 280 6.13 2.99 -20.58
N GLY B 281 6.93 2.58 -19.61
CA GLY B 281 7.96 1.61 -19.85
C GLY B 281 9.19 2.15 -20.52
N ASP B 282 9.30 3.47 -20.69
CA ASP B 282 10.55 4.03 -21.19
C ASP B 282 11.69 3.61 -20.28
N VAL B 283 12.86 3.41 -20.87
CA VAL B 283 14.04 2.98 -20.15
C VAL B 283 15.05 4.12 -20.18
N TYR B 284 15.56 4.49 -18.99
CA TYR B 284 16.53 5.56 -18.88
C TYR B 284 17.86 4.98 -18.40
N VAL B 285 18.98 5.40 -19.00
CA VAL B 285 20.30 4.92 -18.59
C VAL B 285 21.19 6.13 -18.32
N ALA B 286 21.90 6.10 -17.22
CA ALA B 286 22.85 7.18 -16.86
C ALA B 286 24.25 6.90 -17.43
N ASP B 287 24.89 7.93 -17.97
CA ASP B 287 26.29 7.89 -18.41
C ASP B 287 27.07 8.87 -17.53
N ALA B 288 28.03 8.36 -16.75
CA ALA B 288 28.83 9.24 -15.91
C ALA B 288 29.96 9.94 -16.67
N ILE B 289 30.18 9.53 -17.92
CA ILE B 289 31.25 10.12 -18.79
C ILE B 289 32.62 10.07 -18.08
N ASP B 290 33.19 11.22 -17.72
CA ASP B 290 34.54 11.23 -17.17
C ASP B 290 34.54 11.38 -15.66
N TYR B 291 33.36 11.34 -15.04
CA TYR B 291 33.19 11.48 -13.60
C TYR B 291 33.55 12.88 -13.11
N GLN B 292 33.63 13.85 -14.01
CA GLN B 292 33.99 15.21 -13.60
C GLN B 292 33.00 16.23 -14.12
N GLN B 293 32.63 16.16 -15.39
CA GLN B 293 31.68 17.08 -15.99
C GLN B 293 30.25 16.57 -15.78
N GLN B 294 29.30 17.31 -16.33
CA GLN B 294 27.91 16.87 -16.31
C GLN B 294 27.80 15.50 -16.93
N GLY B 295 27.12 14.60 -16.25
CA GLY B 295 26.77 13.33 -16.84
C GLY B 295 25.54 13.50 -17.70
N MET B 296 25.15 12.43 -18.38
CA MET B 296 23.95 12.49 -19.21
C MET B 296 23.06 11.28 -19.04
N ILE B 297 21.78 11.51 -19.33
CA ILE B 297 20.77 10.47 -19.31
C ILE B 297 20.28 10.26 -20.72
N TYR B 298 20.20 9.00 -21.14
CA TYR B 298 19.57 8.60 -22.37
C TYR B 298 18.19 8.03 -22.08
N ARG B 299 17.19 8.46 -22.84
CA ARG B 299 15.82 7.97 -22.71
C ARG B 299 15.43 7.12 -23.92
N TYR B 300 15.06 5.86 -23.69
CA TYR B 300 14.63 4.94 -24.75
C TYR B 300 13.17 4.55 -24.55
N THR B 301 12.43 4.30 -25.63
CA THR B 301 11.12 3.67 -25.45
C THR B 301 11.33 2.21 -25.02
N GLU B 302 10.24 1.60 -24.55
CA GLU B 302 10.32 0.18 -24.20
C GLU B 302 10.70 -0.67 -25.40
N ASP B 303 10.59 -0.11 -26.60
CA ASP B 303 10.94 -0.87 -27.80
CA ASP B 303 10.94 -0.85 -27.81
C ASP B 303 12.35 -0.53 -28.29
N GLY B 304 13.10 0.28 -27.56
CA GLY B 304 14.48 0.48 -27.88
C GLY B 304 14.76 1.69 -28.75
N GLU B 305 13.80 2.55 -28.96
CA GLU B 305 13.99 3.73 -29.80
C GLU B 305 14.51 4.87 -28.92
N LEU B 306 15.67 5.45 -29.29
CA LEU B 306 16.17 6.57 -28.51
C LEU B 306 15.30 7.81 -28.73
N VAL B 307 14.74 8.38 -27.67
CA VAL B 307 13.86 9.52 -27.83
C VAL B 307 14.33 10.79 -27.14
N ASP B 308 15.29 10.72 -26.20
CA ASP B 308 15.78 11.94 -25.57
C ASP B 308 17.15 11.68 -24.99
N GLU B 309 17.93 12.77 -24.87
CA GLU B 309 19.21 12.76 -24.18
C GLU B 309 19.29 14.07 -23.42
N PHE B 310 19.76 14.02 -22.17
CA PHE B 310 19.84 15.28 -21.46
C PHE B 310 20.93 15.22 -20.41
N TYR B 311 21.64 16.34 -20.26
CA TYR B 311 22.74 16.42 -19.31
C TYR B 311 22.23 16.88 -17.96
N VAL B 312 22.78 16.26 -16.91
CA VAL B 312 22.30 16.46 -15.54
C VAL B 312 23.45 16.98 -14.70
N GLY B 313 23.72 16.35 -13.56
CA GLY B 313 24.82 16.73 -12.69
C GLY B 313 25.99 15.77 -12.81
N ILE B 314 26.86 15.80 -11.79
CA ILE B 314 28.07 15.00 -11.81
C ILE B 314 27.75 13.61 -11.28
N ILE B 315 28.12 12.58 -12.04
CA ILE B 315 27.91 11.15 -11.75
C ILE B 315 26.45 10.89 -11.36
N PRO B 316 25.52 11.02 -12.30
CA PRO B 316 24.13 10.63 -12.03
C PRO B 316 24.06 9.14 -11.70
N GLY B 317 23.46 8.82 -10.56
CA GLY B 317 23.63 7.46 -10.10
C GLY B 317 22.37 6.76 -9.65
N ALA B 318 21.33 7.54 -9.37
CA ALA B 318 20.07 7.01 -8.87
C ALA B 318 18.92 7.81 -9.43
N PHE B 319 17.74 7.20 -9.47
CA PHE B 319 16.53 7.79 -10.03
C PHE B 319 15.39 7.64 -9.04
N CYS B 320 14.41 8.53 -9.14
CA CYS B 320 13.17 8.39 -8.37
C CYS B 320 12.02 9.05 -9.15
N TRP B 321 10.91 8.34 -9.30
CA TRP B 321 9.77 8.87 -10.03
C TRP B 321 8.78 9.53 -9.09
N LYS B 322 8.14 10.62 -9.57
CA LYS B 322 6.94 11.14 -8.89
C LYS B 322 5.82 10.16 -9.15
#